data_5BO6
#
_entry.id   5BO6
#
_cell.length_a   72.928
_cell.length_b   96.867
_cell.length_c   124.981
_cell.angle_alpha   90.000
_cell.angle_beta   90.000
_cell.angle_gamma   90.000
#
_symmetry.space_group_name_H-M   'P 21 21 21'
#
loop_
_entity.id
_entity.type
_entity.pdbx_description
1 polymer 'Sia-alpha-2,3-Gal-beta-1,4-GlcNAc-R:alpha 2,8-sialyltransferase'
2 branched beta-D-mannopyranose-(1-4)-2-acetamido-2-deoxy-beta-D-glucopyranose-(1-4)-2-acetamido-2-deoxy-beta-D-glucopyranose
3 branched 2-acetamido-2-deoxy-beta-D-glucopyranose-(1-4)-2-acetamido-2-deoxy-beta-D-glucopyranose
4 branched 2-acetamido-2-deoxy-beta-D-glucopyranose-(1-4)-[alpha-L-fucopyranose-(1-6)]2-acetamido-2-deoxy-beta-D-glucopyranose
5 non-polymer "CYTIDINE-5'-DIPHOSPHATE"
6 non-polymer 2-acetamido-2-deoxy-beta-D-glucopyranose
7 water water
#
_entity_poly.entity_id   1
_entity_poly.type   'polypeptide(L)'
_entity_poly.pdbx_seq_one_letter_code
;APEHHHHHHDYDIPTTENLYFQGQELQEKPSKWKFNRTAFLHQRQEILQHVDVIKNFSLTKNSVRIGQLMHYDYSSHKYV
FSISNNFRSLLPDVSPIMNKHYNICAVVGNSGILTGSQCGQEIDKSDFVFRCNFAPTEAFQRDVGRKTNLTTFNPSILEK
YYNNLLTIQDRNNFFLSLKKLDGAILWIPAFFFHTSATVTRTLVDFFVEHRGQLKVQLAWPGNIMQHVNRYWKNKHLSPK
RLSTGILMYTLASAICEEIHLYGFWPFGFDPNTREDLPYHYYDKKGTKFTTKWQESHQLPAEFQLLYRMHGEGLTKLTLS
HCA
;
_entity_poly.pdbx_strand_id   A,B
#
loop_
_chem_comp.id
_chem_comp.type
_chem_comp.name
_chem_comp.formula
BMA D-saccharide, beta linking beta-D-mannopyranose 'C6 H12 O6'
CDP non-polymer CYTIDINE-5'-DIPHOSPHATE 'C9 H15 N3 O11 P2'
FUC L-saccharide, alpha linking alpha-L-fucopyranose 'C6 H12 O5'
NAG D-saccharide, beta linking 2-acetamido-2-deoxy-beta-D-glucopyranose 'C8 H15 N O6'
#
# COMPACT_ATOMS: atom_id res chain seq x y z
N TRP A 33 32.83 -35.54 8.00
CA TRP A 33 31.32 -35.48 8.11
C TRP A 33 30.67 -36.66 7.45
N LYS A 34 29.78 -37.33 8.16
CA LYS A 34 29.05 -38.46 7.61
C LYS A 34 27.55 -38.35 8.02
N PHE A 35 26.66 -38.45 7.03
CA PHE A 35 25.27 -38.27 7.26
C PHE A 35 24.79 -39.39 8.16
N ASN A 36 23.95 -39.06 9.10
CA ASN A 36 23.25 -40.05 9.85
C ASN A 36 21.74 -39.96 9.52
N ARG A 37 21.33 -40.78 8.55
CA ARG A 37 19.95 -40.71 8.04
C ARG A 37 18.90 -41.00 9.08
N THR A 38 19.20 -41.98 9.92
CA THR A 38 18.27 -42.38 10.99
C THR A 38 18.00 -41.23 11.91
N ALA A 39 19.06 -40.57 12.35
CA ALA A 39 18.88 -39.49 13.30
C ALA A 39 18.22 -38.31 12.60
N PHE A 40 18.54 -38.10 11.34
CA PHE A 40 17.82 -37.00 10.61
C PHE A 40 16.33 -37.27 10.48
N LEU A 41 15.99 -38.47 10.09
CA LEU A 41 14.54 -38.86 10.02
C LEU A 41 13.81 -38.79 11.37
N HIS A 42 14.52 -39.05 12.44
CA HIS A 42 13.98 -38.84 13.75
C HIS A 42 13.74 -37.39 14.00
N GLN A 43 14.68 -36.55 13.59
CA GLN A 43 14.47 -35.10 13.72
C GLN A 43 13.23 -34.66 12.92
N ARG A 44 13.14 -35.14 11.70
CA ARG A 44 11.98 -34.83 10.88
C ARG A 44 10.68 -35.13 11.61
N GLN A 45 10.58 -36.36 12.10
CA GLN A 45 9.38 -36.82 12.86
C GLN A 45 9.14 -35.93 14.08
N GLU A 46 10.18 -35.56 14.81
CA GLU A 46 10.02 -34.65 15.94
C GLU A 46 9.49 -33.28 15.51
N ILE A 47 10.04 -32.75 14.43
CA ILE A 47 9.56 -31.47 13.90
C ILE A 47 8.10 -31.61 13.53
N LEU A 48 7.76 -32.71 12.85
CA LEU A 48 6.37 -32.90 12.39
C LEU A 48 5.38 -33.08 13.54
N GLN A 49 5.80 -33.65 14.65
CA GLN A 49 4.97 -33.68 15.87
C GLN A 49 4.61 -32.32 16.40
N HIS A 50 5.43 -31.34 16.18
CA HIS A 50 5.15 -30.01 16.68
C HIS A 50 4.64 -29.01 15.67
N VAL A 51 4.97 -29.23 14.39
CA VAL A 51 4.65 -28.26 13.29
C VAL A 51 4.12 -29.05 12.10
N ASP A 52 2.91 -28.77 11.64
CA ASP A 52 2.39 -29.41 10.44
C ASP A 52 2.97 -28.59 9.30
N VAL A 53 4.12 -29.05 8.81
CA VAL A 53 4.89 -28.30 7.85
C VAL A 53 4.16 -28.15 6.55
N ILE A 54 3.54 -29.22 6.09
CA ILE A 54 2.83 -29.22 4.78
C ILE A 54 1.74 -28.16 4.80
N LYS A 55 0.98 -28.12 5.88
CA LYS A 55 -0.06 -27.11 6.05
C LYS A 55 0.56 -25.71 6.30
N ASN A 56 1.46 -25.61 7.25
CA ASN A 56 2.00 -24.31 7.66
C ASN A 56 2.74 -23.62 6.51
N PHE A 57 3.24 -24.40 5.56
CA PHE A 57 3.97 -23.86 4.44
C PHE A 57 3.21 -22.72 3.73
N SER A 58 1.89 -22.79 3.65
CA SER A 58 1.10 -21.75 2.93
C SER A 58 -0.36 -21.90 3.30
N LEU A 59 -1.02 -20.78 3.44
CA LEU A 59 -2.46 -20.71 3.42
C LEU A 59 -2.88 -21.23 2.06
N THR A 60 -4.06 -21.82 2.02
CA THR A 60 -4.69 -22.26 0.80
C THR A 60 -6.03 -21.56 0.65
N LYS A 61 -6.62 -21.62 -0.52
CA LYS A 61 -7.84 -20.87 -0.80
C LYS A 61 -8.93 -21.23 0.17
N ASN A 62 -9.09 -22.54 0.38
CA ASN A 62 -10.15 -23.01 1.27
C ASN A 62 -9.82 -22.84 2.73
N SER A 63 -8.66 -22.37 3.12
CA SER A 63 -8.48 -22.14 4.53
C SER A 63 -8.72 -20.71 4.96
N VAL A 64 -9.03 -19.80 4.04
CA VAL A 64 -9.26 -18.44 4.47
C VAL A 64 -10.64 -18.04 3.92
N ARG A 65 -11.28 -17.11 4.60
CA ARG A 65 -12.55 -16.57 4.14
C ARG A 65 -12.25 -15.16 3.69
N ILE A 66 -12.96 -14.75 2.68
CA ILE A 66 -12.95 -13.35 2.27
C ILE A 66 -13.42 -12.50 3.35
N GLY A 67 -12.71 -11.45 3.71
CA GLY A 67 -13.17 -10.65 4.89
C GLY A 67 -12.57 -11.08 6.25
N GLN A 68 -11.89 -12.19 6.28
CA GLN A 68 -11.22 -12.61 7.52
C GLN A 68 -10.12 -11.61 7.92
N LEU A 69 -10.00 -11.31 9.22
CA LEU A 69 -8.98 -10.42 9.75
C LEU A 69 -7.82 -11.20 10.24
N MET A 70 -6.69 -10.99 9.63
CA MET A 70 -5.41 -11.57 10.09
C MET A 70 -4.73 -10.63 11.08
N HIS A 71 -3.95 -11.20 12.00
CA HIS A 71 -3.10 -10.48 12.96
C HIS A 71 -1.68 -10.81 12.60
N TYR A 72 -0.69 -10.18 13.26
CA TYR A 72 0.74 -10.38 12.86
C TYR A 72 1.48 -11.15 13.97
N ASP A 73 2.29 -12.14 13.60
CA ASP A 73 3.03 -12.94 14.60
C ASP A 73 3.88 -12.05 15.48
N TYR A 74 4.48 -10.99 14.95
CA TYR A 74 5.50 -10.24 15.68
C TYR A 74 5.14 -8.81 15.91
N SER A 75 3.86 -8.46 15.86
CA SER A 75 3.48 -7.08 16.16
C SER A 75 2.46 -7.11 17.26
N SER A 76 2.19 -5.94 17.82
CA SER A 76 1.02 -5.79 18.63
C SER A 76 -0.29 -6.31 17.96
N HIS A 77 -1.16 -6.88 18.78
CA HIS A 77 -2.45 -7.46 18.32
C HIS A 77 -3.39 -6.48 17.63
N LYS A 78 -3.31 -5.20 17.96
CA LYS A 78 -4.20 -4.24 17.33
C LYS A 78 -4.09 -4.13 15.77
N TYR A 79 -2.91 -4.48 15.21
CA TYR A 79 -2.69 -4.46 13.80
C TYR A 79 -3.43 -5.62 13.13
N VAL A 80 -4.24 -5.27 12.16
CA VAL A 80 -4.99 -6.25 11.41
C VAL A 80 -4.86 -6.06 9.91
N PHE A 81 -5.18 -7.12 9.17
CA PHE A 81 -5.21 -7.08 7.75
C PHE A 81 -6.41 -7.92 7.26
N SER A 82 -7.29 -7.30 6.46
CA SER A 82 -8.48 -7.98 5.94
C SER A 82 -8.14 -8.73 4.66
N ILE A 83 -8.48 -10.01 4.59
CA ILE A 83 -8.22 -10.80 3.41
C ILE A 83 -9.26 -10.43 2.29
N SER A 84 -8.80 -9.99 1.11
CA SER A 84 -9.70 -9.66 0.01
C SER A 84 -9.86 -10.84 -0.89
N ASN A 85 -10.87 -10.76 -1.76
CA ASN A 85 -11.07 -11.61 -2.85
C ASN A 85 -9.79 -11.80 -3.65
N ASN A 86 -9.13 -10.70 -3.95
CA ASN A 86 -7.91 -10.77 -4.75
C ASN A 86 -6.76 -11.48 -4.02
N PHE A 87 -6.57 -11.19 -2.75
CA PHE A 87 -5.56 -11.93 -1.97
C PHE A 87 -5.85 -13.44 -2.05
N ARG A 88 -7.08 -13.78 -1.74
CA ARG A 88 -7.46 -15.24 -1.73
C ARG A 88 -7.21 -15.87 -3.08
N SER A 89 -7.48 -15.11 -4.15
CA SER A 89 -7.32 -15.64 -5.50
C SER A 89 -5.85 -16.02 -5.81
N LEU A 90 -4.87 -15.49 -5.05
CA LEU A 90 -3.44 -15.79 -5.28
C LEU A 90 -2.96 -16.95 -4.41
N LEU A 91 -3.80 -17.39 -3.48
CA LEU A 91 -3.42 -18.56 -2.67
C LEU A 91 -3.46 -19.87 -3.48
N PRO A 92 -2.54 -20.82 -3.19
CA PRO A 92 -2.65 -22.09 -3.85
C PRO A 92 -3.89 -22.88 -3.41
N ASP A 93 -4.35 -23.78 -4.27
CA ASP A 93 -5.44 -24.67 -3.91
C ASP A 93 -5.01 -25.76 -2.90
N VAL A 94 -3.82 -26.27 -3.07
CA VAL A 94 -3.26 -27.26 -2.20
C VAL A 94 -1.85 -26.79 -1.84
N SER A 95 -1.37 -27.29 -0.73
CA SER A 95 0.01 -27.03 -0.33
C SER A 95 0.95 -27.29 -1.45
N PRO A 96 1.79 -26.32 -1.78
CA PRO A 96 2.73 -26.55 -2.90
C PRO A 96 3.78 -27.61 -2.58
N ILE A 97 3.92 -28.04 -1.33
CA ILE A 97 4.87 -29.11 -1.03
C ILE A 97 4.21 -30.46 -0.71
N MET A 98 2.92 -30.53 -0.95
CA MET A 98 2.25 -31.79 -0.74
C MET A 98 2.79 -32.87 -1.71
N ASN A 99 3.10 -34.03 -1.19
CA ASN A 99 3.61 -35.17 -2.01
C ASN A 99 4.85 -34.77 -2.83
N LYS A 100 5.60 -33.80 -2.39
CA LYS A 100 6.87 -33.49 -2.98
C LYS A 100 8.00 -34.10 -2.16
N HIS A 101 9.00 -34.59 -2.89
CA HIS A 101 10.16 -35.20 -2.31
C HIS A 101 11.42 -34.84 -3.03
N TYR A 102 12.40 -34.33 -2.28
CA TYR A 102 13.66 -34.02 -2.90
C TYR A 102 14.75 -34.71 -2.12
N ASN A 103 15.72 -35.30 -2.83
CA ASN A 103 16.71 -36.13 -2.14
C ASN A 103 17.75 -35.25 -1.41
N ILE A 104 18.51 -34.48 -2.18
CA ILE A 104 19.53 -33.54 -1.60
C ILE A 104 19.04 -32.13 -1.71
N CYS A 105 18.95 -31.46 -0.56
CA CYS A 105 18.56 -30.09 -0.52
C CYS A 105 19.73 -29.17 -0.04
N ALA A 106 19.86 -27.99 -0.65
CA ALA A 106 20.68 -26.96 -0.14
C ALA A 106 19.80 -25.82 0.44
N VAL A 107 20.12 -25.47 1.65
CA VAL A 107 19.60 -24.25 2.21
C VAL A 107 20.77 -23.24 2.29
N VAL A 108 20.62 -22.13 1.58
CA VAL A 108 21.64 -21.14 1.49
C VAL A 108 21.27 -19.91 2.34
N GLY A 109 21.97 -19.75 3.46
CA GLY A 109 21.95 -18.52 4.17
C GLY A 109 22.81 -17.48 3.47
N ASN A 110 22.87 -16.29 4.02
CA ASN A 110 23.50 -15.14 3.36
C ASN A 110 24.87 -14.70 3.89
N SER A 111 25.52 -15.53 4.71
CA SER A 111 26.77 -15.12 5.38
C SER A 111 27.84 -14.77 4.36
N GLY A 112 28.68 -13.83 4.78
CA GLY A 112 29.92 -13.50 4.06
C GLY A 112 30.91 -14.60 3.94
N ILE A 113 30.72 -15.70 4.68
CA ILE A 113 31.58 -16.87 4.52
C ILE A 113 31.53 -17.44 3.09
N LEU A 114 30.39 -17.25 2.38
CA LEU A 114 30.33 -17.77 1.03
C LEU A 114 31.23 -17.10 -0.04
N THR A 115 31.65 -15.84 0.21
CA THR A 115 32.50 -15.14 -0.77
C THR A 115 33.79 -15.86 -0.90
N GLY A 116 34.14 -16.14 -2.16
CA GLY A 116 35.38 -16.85 -2.46
C GLY A 116 35.26 -18.35 -2.21
N SER A 117 34.10 -18.85 -1.77
CA SER A 117 34.00 -20.32 -1.42
C SER A 117 33.96 -21.21 -2.63
N GLN A 118 33.52 -20.68 -3.77
CA GLN A 118 33.31 -21.47 -4.98
C GLN A 118 32.34 -22.64 -4.80
N CYS A 119 31.33 -22.43 -3.96
CA CYS A 119 30.34 -23.46 -3.67
C CYS A 119 29.23 -23.53 -4.65
N GLY A 120 29.26 -22.68 -5.67
CA GLY A 120 28.12 -22.57 -6.56
C GLY A 120 27.80 -23.88 -7.31
N GLN A 121 28.81 -24.53 -7.83
CA GLN A 121 28.57 -25.75 -8.57
C GLN A 121 27.94 -26.87 -7.61
N GLU A 122 28.48 -26.96 -6.43
CA GLU A 122 28.06 -27.97 -5.50
C GLU A 122 26.61 -27.66 -5.05
N ILE A 123 26.33 -26.39 -4.81
CA ILE A 123 24.97 -25.98 -4.44
C ILE A 123 24.01 -26.34 -5.55
N ASP A 124 24.39 -26.04 -6.79
CA ASP A 124 23.49 -26.27 -7.93
C ASP A 124 23.30 -27.74 -8.29
N LYS A 125 24.17 -28.59 -7.80
CA LYS A 125 23.94 -30.02 -7.97
C LYS A 125 22.80 -30.53 -7.11
N SER A 126 22.44 -29.82 -6.05
CA SER A 126 21.31 -30.24 -5.23
C SER A 126 20.04 -30.46 -6.08
N ASP A 127 19.19 -31.34 -5.61
CA ASP A 127 17.86 -31.51 -6.14
C ASP A 127 17.00 -30.27 -5.94
N PHE A 128 17.17 -29.58 -4.84
CA PHE A 128 16.32 -28.43 -4.56
C PHE A 128 17.12 -27.42 -3.74
N VAL A 129 17.00 -26.17 -4.12
CA VAL A 129 17.72 -25.11 -3.46
C VAL A 129 16.77 -24.05 -2.89
N PHE A 130 16.94 -23.80 -1.60
CA PHE A 130 16.26 -22.76 -0.86
C PHE A 130 17.22 -21.57 -0.67
N ARG A 131 16.72 -20.36 -0.90
CA ARG A 131 17.41 -19.11 -0.67
C ARG A 131 16.56 -18.16 0.20
N CYS A 132 17.21 -17.16 0.77
CA CYS A 132 16.65 -16.28 1.79
C CYS A 132 16.61 -14.85 1.33
N ASN A 133 15.44 -14.25 1.46
CA ASN A 133 15.26 -12.83 1.23
C ASN A 133 15.61 -12.38 -0.18
N PHE A 134 15.24 -13.15 -1.21
CA PHE A 134 15.39 -12.74 -2.57
C PHE A 134 16.83 -12.39 -2.82
N ALA A 135 17.76 -13.11 -2.20
CA ALA A 135 19.20 -12.79 -2.25
C ALA A 135 19.69 -12.81 -3.71
N PRO A 136 20.59 -11.93 -4.03
CA PRO A 136 21.17 -11.89 -5.41
C PRO A 136 22.12 -13.03 -5.67
N THR A 137 22.06 -13.49 -6.90
CA THR A 137 22.91 -14.49 -7.36
C THR A 137 23.78 -14.01 -8.56
N GLU A 138 23.41 -12.92 -9.23
CA GLU A 138 23.90 -12.66 -10.57
C GLU A 138 25.45 -12.49 -10.59
N ALA A 139 25.95 -11.59 -9.72
CA ALA A 139 27.35 -11.35 -9.58
C ALA A 139 28.10 -12.42 -8.75
N PHE A 140 27.39 -13.39 -8.23
CA PHE A 140 27.93 -14.24 -7.18
C PHE A 140 27.83 -15.70 -7.44
N GLN A 141 27.43 -16.08 -8.67
CA GLN A 141 27.03 -17.48 -8.96
C GLN A 141 28.11 -18.48 -8.67
N ARG A 142 29.35 -18.10 -8.96
CA ARG A 142 30.43 -18.98 -8.70
C ARG A 142 30.48 -19.46 -7.23
N ASP A 143 30.11 -18.58 -6.32
CA ASP A 143 30.15 -18.85 -4.89
C ASP A 143 28.83 -19.40 -4.34
N VAL A 144 27.69 -18.93 -4.87
CA VAL A 144 26.39 -19.27 -4.32
C VAL A 144 25.45 -20.02 -5.25
N GLY A 145 25.83 -20.20 -6.51
CA GLY A 145 24.99 -20.91 -7.42
C GLY A 145 24.00 -19.99 -8.12
N ARG A 146 23.31 -20.57 -9.10
CA ARG A 146 22.20 -19.97 -9.82
C ARG A 146 20.85 -20.73 -9.68
N LYS A 147 20.88 -21.96 -9.17
CA LYS A 147 19.67 -22.74 -8.99
C LYS A 147 18.88 -22.13 -7.82
N THR A 148 17.62 -21.90 -8.05
CA THR A 148 16.69 -21.50 -7.01
C THR A 148 15.37 -22.20 -7.19
N ASN A 149 14.97 -22.95 -6.17
CA ASN A 149 13.64 -23.59 -6.18
C ASN A 149 12.67 -23.00 -5.20
N LEU A 150 13.17 -22.27 -4.23
CA LEU A 150 12.36 -21.44 -3.37
C LEU A 150 13.19 -20.26 -2.94
N THR A 151 12.56 -19.07 -2.83
CA THR A 151 13.21 -17.97 -2.21
C THR A 151 12.23 -17.21 -1.36
N THR A 152 12.67 -16.70 -0.21
CA THR A 152 11.71 -16.03 0.65
C THR A 152 11.62 -14.56 0.23
N PHE A 153 10.51 -13.92 0.55
CA PHE A 153 10.24 -12.60 0.04
C PHE A 153 9.39 -11.81 1.04
N ASN A 154 10.01 -11.01 1.84
CA ASN A 154 9.23 -10.06 2.69
C ASN A 154 8.65 -8.99 1.80
N PRO A 155 7.36 -8.69 1.92
CA PRO A 155 6.77 -7.68 1.05
C PRO A 155 7.48 -6.34 1.03
N SER A 156 8.17 -6.02 2.11
CA SER A 156 8.83 -4.74 2.23
C SER A 156 10.02 -4.62 1.25
N ILE A 157 10.39 -5.70 0.63
CA ILE A 157 11.25 -5.62 -0.53
C ILE A 157 10.80 -4.66 -1.55
N LEU A 158 9.50 -4.59 -1.78
CA LEU A 158 9.01 -3.67 -2.77
C LEU A 158 9.31 -2.25 -2.42
N GLU A 159 9.25 -1.90 -1.14
CA GLU A 159 9.60 -0.58 -0.62
C GLU A 159 11.11 -0.37 -0.77
N LYS A 160 11.91 -1.30 -0.31
CA LYS A 160 13.32 -1.05 -0.27
C LYS A 160 13.92 -1.02 -1.69
N TYR A 161 13.51 -1.89 -2.58
CA TYR A 161 14.28 -2.12 -3.84
C TYR A 161 13.51 -1.84 -5.10
N TYR A 162 12.18 -1.71 -5.05
CA TYR A 162 11.39 -1.49 -6.25
C TYR A 162 10.51 -0.26 -6.14
N ASN A 163 10.82 0.65 -5.22
CA ASN A 163 10.12 1.94 -5.12
C ASN A 163 8.54 1.84 -5.06
N ASN A 164 8.04 0.85 -4.35
CA ASN A 164 6.64 0.53 -4.33
C ASN A 164 5.97 0.38 -5.64
N LEU A 165 6.71 -0.06 -6.66
CA LEU A 165 6.12 -0.26 -7.95
C LEU A 165 5.30 0.93 -8.43
N LEU A 166 5.81 2.14 -8.14
CA LEU A 166 5.16 3.37 -8.54
C LEU A 166 5.30 3.71 -10.03
N THR A 167 6.43 3.38 -10.65
CA THR A 167 6.65 3.73 -12.06
C THR A 167 6.68 2.51 -12.99
N ILE A 168 6.69 2.78 -14.27
CA ILE A 168 6.74 1.75 -15.34
C ILE A 168 8.03 0.96 -15.22
N GLN A 169 9.08 1.71 -14.92
CA GLN A 169 10.38 1.12 -14.82
C GLN A 169 10.49 0.22 -13.58
N ASP A 170 9.99 0.68 -12.45
CA ASP A 170 9.89 -0.16 -11.24
C ASP A 170 9.17 -1.48 -11.49
N ARG A 171 8.04 -1.37 -12.16
CA ARG A 171 7.18 -2.52 -12.48
C ARG A 171 7.90 -3.48 -13.41
N ASN A 172 8.55 -2.94 -14.42
CA ASN A 172 9.36 -3.74 -15.33
C ASN A 172 10.51 -4.41 -14.60
N ASN A 173 11.19 -3.70 -13.72
CA ASN A 173 12.32 -4.33 -13.01
C ASN A 173 11.82 -5.46 -12.13
N PHE A 174 10.68 -5.25 -11.44
CA PHE A 174 10.19 -6.29 -10.56
C PHE A 174 9.73 -7.48 -11.40
N PHE A 175 9.03 -7.23 -12.50
CA PHE A 175 8.55 -8.26 -13.41
C PHE A 175 9.72 -9.16 -13.92
N LEU A 176 10.78 -8.55 -14.41
CA LEU A 176 12.00 -9.25 -14.83
C LEU A 176 12.59 -10.09 -13.67
N SER A 177 12.67 -9.53 -12.44
CA SER A 177 13.20 -10.28 -11.31
C SER A 177 12.39 -11.52 -11.13
N LEU A 178 11.07 -11.42 -11.25
CA LEU A 178 10.21 -12.57 -11.05
C LEU A 178 10.35 -13.58 -12.17
N LYS A 179 10.46 -13.08 -13.38
CA LYS A 179 10.59 -13.97 -14.54
C LYS A 179 11.85 -14.82 -14.45
N LYS A 180 12.96 -14.25 -13.97
CA LYS A 180 14.17 -15.00 -13.77
C LYS A 180 14.01 -16.19 -12.76
N LEU A 181 13.06 -16.14 -11.87
CA LEU A 181 12.82 -17.26 -10.96
C LEU A 181 12.13 -18.49 -11.61
N ASP A 182 11.64 -18.34 -12.83
CA ASP A 182 10.96 -19.43 -13.57
C ASP A 182 9.83 -20.02 -12.74
N GLY A 183 9.87 -21.34 -12.49
CA GLY A 183 8.83 -22.02 -11.72
C GLY A 183 9.11 -22.13 -10.22
N ALA A 184 10.10 -21.40 -9.67
CA ALA A 184 10.38 -21.53 -8.30
C ALA A 184 9.17 -21.06 -7.40
N ILE A 185 9.23 -21.41 -6.13
CA ILE A 185 8.29 -20.92 -5.12
C ILE A 185 8.79 -19.61 -4.53
N LEU A 186 7.91 -18.60 -4.59
CA LEU A 186 8.18 -17.36 -3.92
C LEU A 186 7.40 -17.40 -2.62
N TRP A 187 8.14 -17.41 -1.50
CA TRP A 187 7.53 -17.75 -0.20
C TRP A 187 7.44 -16.45 0.57
N ILE A 188 6.23 -15.92 0.64
CA ILE A 188 5.96 -14.52 1.03
C ILE A 188 5.27 -14.50 2.36
N PRO A 189 5.97 -14.11 3.43
CA PRO A 189 5.30 -14.05 4.72
C PRO A 189 4.78 -12.66 5.02
N ALA A 190 3.53 -12.44 4.74
CA ALA A 190 2.93 -11.17 4.85
C ALA A 190 2.34 -10.92 6.23
N PHE A 191 2.30 -11.93 7.08
CA PHE A 191 1.71 -11.80 8.39
C PHE A 191 2.67 -11.96 9.55
N PHE A 192 3.95 -11.70 9.33
CA PHE A 192 4.91 -11.62 10.44
C PHE A 192 4.99 -10.21 11.07
N PHE A 193 5.13 -9.20 10.23
CA PHE A 193 5.37 -7.83 10.67
C PHE A 193 4.31 -6.90 10.13
N HIS A 194 3.70 -6.09 10.98
CA HIS A 194 2.64 -5.18 10.54
C HIS A 194 3.01 -4.10 9.53
N THR A 195 4.28 -3.82 9.48
CA THR A 195 4.78 -2.89 8.54
C THR A 195 4.68 -3.46 7.13
N SER A 196 4.40 -4.76 6.96
CA SER A 196 4.12 -5.33 5.65
C SER A 196 2.76 -4.83 5.08
N ALA A 197 1.86 -4.31 5.93
CA ALA A 197 0.44 -4.18 5.55
C ALA A 197 0.20 -3.44 4.24
N THR A 198 0.65 -2.21 4.15
CA THR A 198 0.21 -1.43 2.99
C THR A 198 0.97 -1.88 1.68
N VAL A 199 2.26 -2.24 1.81
CA VAL A 199 2.96 -2.80 0.70
C VAL A 199 2.39 -4.16 0.21
N THR A 200 1.87 -4.96 1.11
CA THR A 200 1.20 -6.19 0.67
C THR A 200 0.04 -5.94 -0.34
N ARG A 201 -0.74 -4.87 -0.17
CA ARG A 201 -1.77 -4.57 -1.16
C ARG A 201 -1.19 -4.28 -2.52
N THR A 202 -0.09 -3.58 -2.54
CA THR A 202 0.56 -3.28 -3.80
C THR A 202 1.03 -4.57 -4.50
N LEU A 203 1.61 -5.45 -3.71
CA LEU A 203 2.15 -6.73 -4.23
C LEU A 203 1.01 -7.63 -4.77
N VAL A 204 -0.06 -7.76 -3.99
CA VAL A 204 -1.28 -8.48 -4.36
C VAL A 204 -1.83 -7.90 -5.65
N ASP A 205 -1.98 -6.58 -5.70
CA ASP A 205 -2.52 -5.99 -6.94
C ASP A 205 -1.61 -6.27 -8.17
N PHE A 206 -0.31 -6.20 -7.94
CA PHE A 206 0.66 -6.52 -9.05
C PHE A 206 0.47 -7.93 -9.56
N PHE A 207 0.36 -8.88 -8.66
CA PHE A 207 0.18 -10.24 -9.08
C PHE A 207 -1.16 -10.49 -9.74
N VAL A 208 -2.24 -9.87 -9.22
CA VAL A 208 -3.55 -10.04 -9.86
C VAL A 208 -3.48 -9.45 -11.26
N GLU A 209 -2.88 -8.31 -11.37
CA GLU A 209 -2.81 -7.64 -12.69
C GLU A 209 -2.07 -8.52 -13.69
N HIS A 210 -1.03 -9.19 -13.24
CA HIS A 210 -0.21 -10.02 -14.11
C HIS A 210 -0.56 -11.49 -14.08
N ARG A 211 -1.74 -11.84 -13.60
CA ARG A 211 -2.12 -13.26 -13.45
C ARG A 211 -1.84 -14.05 -14.72
N GLY A 212 -1.20 -15.19 -14.60
CA GLY A 212 -0.96 -16.03 -15.80
C GLY A 212 0.26 -15.67 -16.63
N GLN A 213 0.91 -14.52 -16.39
CA GLN A 213 2.07 -14.13 -17.14
C GLN A 213 3.39 -14.65 -16.54
N LEU A 214 3.38 -15.16 -15.32
CA LEU A 214 4.59 -15.63 -14.73
C LEU A 214 4.39 -17.04 -14.24
N LYS A 215 5.44 -17.83 -14.21
CA LYS A 215 5.39 -19.18 -13.71
C LYS A 215 5.74 -19.35 -12.26
N VAL A 216 6.11 -18.27 -11.57
CA VAL A 216 6.44 -18.38 -10.17
C VAL A 216 5.25 -18.94 -9.38
N GLN A 217 5.52 -19.88 -8.46
CA GLN A 217 4.53 -20.42 -7.59
C GLN A 217 4.50 -19.60 -6.34
N LEU A 218 3.38 -18.94 -6.12
CA LEU A 218 3.20 -18.10 -4.93
C LEU A 218 2.84 -18.94 -3.73
N ALA A 219 3.52 -18.71 -2.59
CA ALA A 219 3.14 -19.31 -1.34
C ALA A 219 3.09 -18.27 -0.27
N TRP A 220 2.10 -18.39 0.63
CA TRP A 220 1.80 -17.32 1.58
C TRP A 220 1.56 -17.92 2.93
N PRO A 221 2.61 -18.07 3.72
CA PRO A 221 2.37 -18.59 5.08
C PRO A 221 1.56 -17.65 5.93
N GLY A 222 0.75 -18.21 6.82
CA GLY A 222 -0.04 -17.45 7.75
C GLY A 222 0.71 -17.35 9.06
N ASN A 223 -0.02 -17.51 10.14
CA ASN A 223 0.52 -17.24 11.49
C ASN A 223 1.15 -18.51 11.98
N ILE A 224 2.38 -18.75 11.54
CA ILE A 224 3.01 -20.02 11.84
C ILE A 224 4.11 -19.98 12.90
N MET A 225 4.59 -18.81 13.29
CA MET A 225 5.80 -18.77 14.12
C MET A 225 5.61 -19.39 15.48
N GLN A 226 4.43 -19.25 16.04
CA GLN A 226 4.20 -19.90 17.33
C GLN A 226 4.35 -21.43 17.24
N HIS A 227 4.03 -22.01 16.09
CA HIS A 227 4.14 -23.44 15.95
C HIS A 227 5.56 -23.82 15.71
N VAL A 228 6.26 -23.06 14.88
CA VAL A 228 7.64 -23.31 14.65
C VAL A 228 8.49 -23.11 15.90
N ASN A 229 8.25 -22.06 16.65
CA ASN A 229 8.93 -21.80 17.87
C ASN A 229 8.89 -22.96 18.89
N ARG A 230 7.83 -23.76 18.86
CA ARG A 230 7.66 -24.85 19.78
C ARG A 230 8.72 -25.87 19.57
N TYR A 231 8.97 -26.26 18.34
CA TYR A 231 10.01 -27.27 18.18
C TYR A 231 11.35 -26.74 18.81
N TRP A 232 11.70 -25.50 18.50
CA TRP A 232 13.07 -25.06 18.75
C TRP A 232 13.20 -24.73 20.27
N LYS A 233 12.12 -24.29 20.90
CA LYS A 233 12.05 -24.06 22.35
C LYS A 233 12.42 -25.34 23.03
N ASN A 234 11.95 -26.50 22.56
CA ASN A 234 12.36 -27.80 23.19
C ASN A 234 13.83 -28.12 23.05
N LYS A 235 14.48 -27.58 22.01
CA LYS A 235 15.92 -27.74 21.82
C LYS A 235 16.72 -26.67 22.51
N HIS A 236 16.09 -25.91 23.39
CA HIS A 236 16.79 -24.90 24.16
C HIS A 236 17.28 -23.69 23.31
N LEU A 237 16.60 -23.43 22.19
CA LEU A 237 16.82 -22.21 21.39
C LEU A 237 15.53 -21.42 21.48
N SER A 238 15.52 -20.32 22.20
CA SER A 238 14.32 -19.49 22.22
C SER A 238 14.58 -18.02 22.19
N PRO A 239 15.04 -17.52 21.04
CA PRO A 239 15.09 -16.09 20.92
C PRO A 239 13.72 -15.53 20.73
N LYS A 240 13.61 -14.23 20.89
CA LYS A 240 12.39 -13.53 20.52
C LYS A 240 11.96 -13.90 19.11
N ARG A 241 12.92 -14.00 18.18
CA ARG A 241 12.67 -14.23 16.75
C ARG A 241 13.68 -15.23 16.14
N LEU A 242 13.19 -16.31 15.52
CA LEU A 242 14.00 -17.28 14.82
C LEU A 242 14.41 -16.72 13.49
N SER A 243 15.60 -17.01 13.04
CA SER A 243 16.02 -16.43 11.74
C SER A 243 15.36 -17.13 10.54
N THR A 244 15.27 -16.44 9.41
CA THR A 244 14.77 -17.01 8.21
C THR A 244 15.49 -18.32 7.89
N GLY A 245 16.79 -18.37 8.13
CA GLY A 245 17.60 -19.54 7.78
C GLY A 245 17.14 -20.80 8.52
N ILE A 246 16.89 -20.65 9.78
CA ILE A 246 16.41 -21.78 10.49
C ILE A 246 14.96 -22.13 10.25
N LEU A 247 14.15 -21.11 9.99
CA LEU A 247 12.81 -21.37 9.49
C LEU A 247 12.88 -22.23 8.19
N MET A 248 13.77 -21.87 7.28
CA MET A 248 13.88 -22.67 6.04
C MET A 248 14.33 -24.10 6.36
N TYR A 249 15.26 -24.28 7.31
CA TYR A 249 15.67 -25.62 7.73
C TYR A 249 14.47 -26.43 8.17
N THR A 250 13.60 -25.78 8.92
CA THR A 250 12.45 -26.44 9.45
C THR A 250 11.50 -26.93 8.34
N LEU A 251 11.26 -26.05 7.40
CA LEU A 251 10.47 -26.45 6.23
C LEU A 251 11.15 -27.57 5.44
N ALA A 252 12.42 -27.39 5.17
CA ALA A 252 13.20 -28.37 4.38
C ALA A 252 13.13 -29.77 4.98
N SER A 253 13.11 -29.84 6.30
CA SER A 253 13.15 -31.14 7.01
C SER A 253 12.04 -32.05 6.56
N ALA A 254 10.92 -31.49 6.22
CA ALA A 254 9.78 -32.32 5.86
C ALA A 254 9.84 -32.94 4.49
N ILE A 255 10.54 -32.31 3.54
CA ILE A 255 10.49 -32.70 2.15
C ILE A 255 11.87 -33.09 1.55
N CYS A 256 12.92 -32.92 2.29
CA CYS A 256 14.23 -33.27 1.86
C CYS A 256 14.73 -34.50 2.60
N GLU A 257 15.47 -35.35 1.90
CA GLU A 257 16.00 -36.60 2.52
C GLU A 257 17.33 -36.27 3.21
N GLU A 258 18.01 -35.20 2.74
CA GLU A 258 19.33 -34.83 3.25
C GLU A 258 19.51 -33.37 3.01
N ILE A 259 19.84 -32.64 4.07
CA ILE A 259 19.98 -31.13 3.99
C ILE A 259 21.43 -30.69 4.14
N HIS A 260 21.94 -29.92 3.15
CA HIS A 260 23.22 -29.31 3.22
C HIS A 260 23.07 -27.79 3.36
N LEU A 261 23.65 -27.26 4.43
CA LEU A 261 23.57 -25.86 4.73
C LEU A 261 24.84 -25.11 4.19
N TYR A 262 24.62 -23.89 3.69
CA TYR A 262 25.69 -23.03 3.20
C TYR A 262 25.35 -21.63 3.68
N GLY A 263 26.37 -20.83 4.00
CA GLY A 263 26.12 -19.46 4.35
C GLY A 263 25.48 -19.23 5.73
N PHE A 264 25.69 -20.18 6.64
CA PHE A 264 25.30 -20.04 8.02
C PHE A 264 26.55 -19.84 8.80
N TRP A 265 26.78 -18.62 9.18
CA TRP A 265 28.11 -18.23 9.90
C TRP A 265 27.98 -16.80 10.32
N PRO A 266 27.38 -16.55 11.51
CA PRO A 266 27.07 -15.20 11.93
C PRO A 266 28.24 -14.50 12.65
N PHE A 267 29.42 -14.52 12.06
CA PHE A 267 30.63 -14.01 12.71
C PHE A 267 31.48 -13.25 11.68
N GLY A 268 32.30 -12.31 12.16
CA GLY A 268 33.07 -11.39 11.31
C GLY A 268 34.47 -11.85 10.89
N PHE A 269 34.75 -13.15 11.07
CA PHE A 269 36.05 -13.68 10.72
C PHE A 269 35.86 -15.03 10.09
N ASP A 270 36.74 -15.37 9.16
CA ASP A 270 36.67 -16.67 8.54
C ASP A 270 37.24 -17.73 9.51
N PRO A 271 36.53 -18.85 9.70
CA PRO A 271 37.00 -19.87 10.68
C PRO A 271 38.36 -20.50 10.35
N ASN A 272 38.72 -20.57 9.09
CA ASN A 272 39.95 -21.21 8.68
C ASN A 272 41.10 -20.21 8.54
N THR A 273 40.88 -19.10 7.86
CA THR A 273 41.93 -18.18 7.59
C THR A 273 42.08 -17.14 8.69
N ARG A 274 40.99 -16.86 9.43
CA ARG A 274 40.93 -15.81 10.42
C ARG A 274 40.79 -14.40 9.87
N GLU A 275 40.64 -14.26 8.56
CA GLU A 275 40.47 -12.94 7.91
C GLU A 275 39.12 -12.39 8.23
N ASP A 276 39.02 -11.06 8.22
CA ASP A 276 37.78 -10.33 8.36
C ASP A 276 36.78 -10.74 7.26
N LEU A 277 35.52 -10.84 7.63
CA LEU A 277 34.44 -11.19 6.71
C LEU A 277 33.35 -10.19 6.93
N PRO A 278 32.69 -9.78 5.88
CA PRO A 278 31.37 -9.12 6.07
C PRO A 278 30.20 -9.99 6.53
N TYR A 279 29.11 -9.30 6.90
CA TYR A 279 27.90 -9.95 7.36
C TYR A 279 27.23 -10.79 6.23
N HIS A 280 27.20 -10.23 5.01
CA HIS A 280 26.53 -10.82 3.87
C HIS A 280 27.51 -11.08 2.77
N TYR A 281 27.33 -12.17 2.04
CA TYR A 281 28.20 -12.45 0.87
C TYR A 281 28.12 -11.44 -0.27
N TYR A 282 27.01 -10.69 -0.34
CA TYR A 282 26.87 -9.72 -1.41
C TYR A 282 27.37 -8.37 -0.99
N ASP A 283 27.87 -8.21 0.23
CA ASP A 283 28.47 -6.92 0.71
C ASP A 283 29.78 -6.73 -0.03
N LYS A 284 30.11 -5.49 -0.37
CA LYS A 284 31.34 -5.18 -1.12
C LYS A 284 32.53 -5.55 -0.28
N LYS A 285 33.63 -5.83 -0.95
CA LYS A 285 34.90 -6.18 -0.30
C LYS A 285 35.32 -5.04 0.55
N GLY A 286 35.80 -5.32 1.75
CA GLY A 286 36.16 -4.28 2.68
C GLY A 286 35.03 -3.86 3.59
N THR A 287 33.80 -4.28 3.37
CA THR A 287 32.75 -3.97 4.31
C THR A 287 33.04 -4.63 5.69
N LYS A 288 33.02 -3.82 6.73
CA LYS A 288 33.17 -4.28 8.07
C LYS A 288 31.98 -5.05 8.56
N PHE A 289 32.24 -6.11 9.31
CA PHE A 289 31.17 -6.93 9.85
C PHE A 289 30.39 -6.07 10.82
N THR A 290 29.10 -6.00 10.68
CA THR A 290 28.26 -5.46 11.77
C THR A 290 27.00 -6.29 11.73
N THR A 291 26.49 -6.58 12.91
CA THR A 291 25.36 -7.52 13.02
C THR A 291 24.09 -6.84 12.52
N LYS A 292 23.35 -7.52 11.64
CA LYS A 292 22.05 -7.00 11.18
C LYS A 292 21.03 -6.79 12.36
N TRP A 293 20.93 -7.78 13.26
CA TRP A 293 19.93 -7.82 14.36
C TRP A 293 20.63 -7.81 15.71
N GLN A 294 20.04 -7.16 16.70
CA GLN A 294 20.50 -7.16 18.11
C GLN A 294 19.25 -7.57 18.88
N GLU A 295 19.35 -7.92 20.17
CA GLU A 295 18.17 -8.20 21.05
C GLU A 295 17.15 -9.27 20.55
N SER A 296 16.49 -8.98 19.44
CA SER A 296 15.47 -9.85 18.82
C SER A 296 15.95 -11.28 18.47
N HIS A 297 17.21 -11.41 18.03
CA HIS A 297 17.76 -12.72 17.57
C HIS A 297 18.87 -13.25 18.45
N GLN A 298 19.19 -14.49 18.17
CA GLN A 298 20.33 -15.07 18.78
C GLN A 298 20.95 -15.90 17.67
N LEU A 299 21.44 -15.27 16.64
CA LEU A 299 22.16 -16.03 15.59
C LEU A 299 23.32 -16.91 16.09
N PRO A 300 24.17 -16.42 17.05
CA PRO A 300 25.20 -17.33 17.53
C PRO A 300 24.62 -18.59 18.17
N ALA A 301 23.53 -18.45 18.91
CA ALA A 301 22.87 -19.61 19.53
C ALA A 301 22.26 -20.56 18.47
N GLU A 302 21.70 -19.99 17.41
CA GLU A 302 21.28 -20.81 16.28
C GLU A 302 22.47 -21.58 15.69
N PHE A 303 23.52 -20.84 15.35
CA PHE A 303 24.67 -21.45 14.75
C PHE A 303 25.19 -22.61 15.64
N GLN A 304 25.27 -22.40 16.94
CA GLN A 304 25.80 -23.43 17.84
C GLN A 304 24.96 -24.69 17.80
N LEU A 305 23.65 -24.50 17.80
CA LEU A 305 22.80 -25.64 17.70
C LEU A 305 22.96 -26.36 16.37
N LEU A 306 23.00 -25.61 15.28
CA LEU A 306 23.23 -26.23 13.95
C LEU A 306 24.60 -26.94 13.87
N TYR A 307 25.59 -26.36 14.54
CA TYR A 307 26.87 -26.96 14.55
C TYR A 307 26.85 -28.27 15.32
N ARG A 308 26.14 -28.31 16.41
CA ARG A 308 25.92 -29.56 17.13
C ARG A 308 25.21 -30.58 16.21
N MET A 309 24.17 -30.10 15.52
CA MET A 309 23.43 -30.98 14.61
C MET A 309 24.34 -31.55 13.53
N HIS A 310 25.28 -30.73 13.04
CA HIS A 310 26.28 -31.18 12.07
C HIS A 310 27.10 -32.34 12.65
N GLY A 311 27.60 -32.13 13.86
CA GLY A 311 28.37 -33.11 14.55
C GLY A 311 27.59 -34.40 14.75
N GLU A 312 26.28 -34.34 14.98
CA GLU A 312 25.46 -35.57 15.10
C GLU A 312 25.11 -36.19 13.71
N GLY A 313 25.58 -35.63 12.61
CA GLY A 313 25.21 -36.09 11.33
C GLY A 313 23.79 -35.78 10.89
N LEU A 314 23.09 -34.83 11.53
CA LEU A 314 21.73 -34.51 11.07
C LEU A 314 21.69 -33.74 9.74
N THR A 315 22.70 -32.92 9.52
CA THR A 315 22.78 -31.98 8.42
C THR A 315 24.24 -31.64 8.25
N LYS A 316 24.61 -31.26 7.04
CA LYS A 316 25.96 -30.81 6.76
C LYS A 316 26.09 -29.29 6.69
N LEU A 317 26.80 -28.73 7.67
CA LEU A 317 27.09 -27.31 7.71
C LEU A 317 28.39 -27.03 6.95
N THR A 318 28.39 -26.33 5.83
CA THR A 318 29.65 -26.06 5.21
C THR A 318 30.23 -24.71 5.63
N LEU A 319 31.47 -24.78 6.05
CA LEU A 319 32.24 -23.65 6.59
C LEU A 319 33.57 -23.37 5.81
N SER A 320 33.80 -23.99 4.67
CA SER A 320 35.04 -23.84 3.95
C SER A 320 34.76 -23.80 2.45
N HIS A 321 35.77 -23.57 1.67
CA HIS A 321 35.65 -23.56 0.23
C HIS A 321 35.23 -24.91 -0.24
N CYS A 322 34.39 -24.94 -1.25
CA CYS A 322 33.96 -26.17 -1.83
C CYS A 322 34.99 -26.72 -2.80
N ALA A 323 35.13 -28.04 -2.84
CA ALA A 323 36.03 -28.65 -3.85
C ALA A 323 35.43 -28.29 -5.19
N TRP B 33 -24.53 43.50 -2.54
CA TRP B 33 -24.32 42.36 -3.51
C TRP B 33 -25.64 41.96 -4.13
N LYS B 34 -25.68 41.86 -5.46
CA LYS B 34 -26.86 41.42 -6.21
C LYS B 34 -26.44 40.49 -7.31
N PHE B 35 -27.14 39.39 -7.38
CA PHE B 35 -26.79 38.33 -8.32
C PHE B 35 -27.06 38.86 -9.73
N ASN B 36 -26.16 38.66 -10.65
CA ASN B 36 -26.41 38.92 -12.06
C ASN B 36 -26.61 37.56 -12.77
N ARG B 37 -27.87 37.12 -12.81
CA ARG B 37 -28.25 35.79 -13.37
C ARG B 37 -27.84 35.65 -14.82
N THR B 38 -28.02 36.72 -15.56
CA THR B 38 -27.61 36.79 -16.96
C THR B 38 -26.15 36.49 -17.21
N ALA B 39 -25.29 37.15 -16.46
CA ALA B 39 -23.90 36.99 -16.61
C ALA B 39 -23.52 35.58 -16.08
N PHE B 40 -24.20 35.11 -15.04
CA PHE B 40 -23.91 33.78 -14.54
C PHE B 40 -24.27 32.71 -15.57
N LEU B 41 -25.45 32.82 -16.17
CA LEU B 41 -25.86 31.91 -17.24
C LEU B 41 -24.90 31.94 -18.39
N HIS B 42 -24.35 33.12 -18.72
CA HIS B 42 -23.27 33.22 -19.71
C HIS B 42 -21.99 32.49 -19.29
N GLN B 43 -21.59 32.65 -18.03
CA GLN B 43 -20.44 31.88 -17.49
C GLN B 43 -20.66 30.33 -17.57
N ARG B 44 -21.82 29.88 -17.12
CA ARG B 44 -22.15 28.46 -17.18
C ARG B 44 -21.95 27.90 -18.58
N GLN B 45 -22.53 28.62 -19.53
CA GLN B 45 -22.45 28.24 -20.93
C GLN B 45 -20.99 28.21 -21.44
N GLU B 46 -20.18 29.18 -21.03
CA GLU B 46 -18.81 29.20 -21.40
C GLU B 46 -18.06 28.05 -20.80
N ILE B 47 -18.35 27.74 -19.54
CA ILE B 47 -17.66 26.61 -18.87
C ILE B 47 -18.03 25.31 -19.62
N LEU B 48 -19.30 25.15 -19.93
CA LEU B 48 -19.79 23.92 -20.58
C LEU B 48 -19.26 23.77 -21.97
N GLN B 49 -19.10 24.86 -22.70
CA GLN B 49 -18.46 24.75 -23.99
C GLN B 49 -16.97 24.42 -23.92
N HIS B 50 -16.29 24.60 -22.80
CA HIS B 50 -14.88 24.18 -22.69
C HIS B 50 -14.65 22.86 -21.95
N VAL B 51 -15.55 22.50 -21.04
CA VAL B 51 -15.37 21.36 -20.12
C VAL B 51 -16.68 20.57 -20.08
N ASP B 52 -16.62 19.29 -20.37
CA ASP B 52 -17.80 18.42 -20.17
C ASP B 52 -17.92 18.03 -18.70
N VAL B 53 -18.60 18.88 -17.95
CA VAL B 53 -18.60 18.77 -16.52
C VAL B 53 -19.23 17.45 -16.04
N ILE B 54 -20.36 17.14 -16.62
CA ILE B 54 -21.09 15.87 -16.26
C ILE B 54 -20.19 14.62 -16.47
N LYS B 55 -19.46 14.56 -17.57
CA LYS B 55 -18.52 13.46 -17.78
C LYS B 55 -17.30 13.55 -16.90
N ASN B 56 -16.71 14.74 -16.83
CA ASN B 56 -15.48 14.93 -16.06
C ASN B 56 -15.69 14.69 -14.57
N PHE B 57 -16.93 14.85 -14.09
CA PHE B 57 -17.18 14.66 -12.68
C PHE B 57 -16.70 13.32 -12.10
N SER B 58 -16.80 12.26 -12.86
CA SER B 58 -16.40 10.94 -12.36
C SER B 58 -16.16 10.01 -13.57
N LEU B 59 -15.13 9.19 -13.45
CA LEU B 59 -15.02 7.99 -14.20
C LEU B 59 -16.23 7.13 -13.89
N THR B 60 -16.59 6.33 -14.87
CA THR B 60 -17.70 5.40 -14.79
C THR B 60 -17.21 4.04 -15.10
N LYS B 61 -17.99 3.06 -14.74
CA LYS B 61 -17.51 1.67 -14.92
C LYS B 61 -17.11 1.39 -16.32
N ASN B 62 -17.93 1.84 -17.25
CA ASN B 62 -17.70 1.50 -18.64
C ASN B 62 -16.66 2.44 -19.26
N SER B 63 -16.15 3.47 -18.57
CA SER B 63 -15.14 4.28 -19.20
C SER B 63 -13.70 3.92 -18.85
N VAL B 64 -13.51 2.89 -18.03
CA VAL B 64 -12.20 2.39 -17.80
C VAL B 64 -12.19 0.90 -18.16
N ARG B 65 -11.03 0.37 -18.45
CA ARG B 65 -10.86 -1.09 -18.59
C ARG B 65 -9.99 -1.62 -17.43
N ILE B 66 -10.27 -2.82 -17.04
CA ILE B 66 -9.44 -3.51 -16.09
C ILE B 66 -8.03 -3.65 -16.60
N GLY B 67 -7.02 -3.28 -15.82
CA GLY B 67 -5.64 -3.29 -16.36
C GLY B 67 -5.16 -2.02 -17.04
N GLN B 68 -6.06 -1.09 -17.28
CA GLN B 68 -5.67 0.22 -17.85
C GLN B 68 -4.73 0.92 -16.86
N LEU B 69 -3.68 1.50 -17.38
CA LEU B 69 -2.73 2.26 -16.64
C LEU B 69 -3.11 3.72 -16.63
N MET B 70 -3.44 4.27 -15.46
CA MET B 70 -3.68 5.71 -15.28
C MET B 70 -2.40 6.43 -14.99
N HIS B 71 -2.31 7.68 -15.42
CA HIS B 71 -1.25 8.60 -15.14
C HIS B 71 -1.78 9.70 -14.23
N TYR B 72 -0.92 10.56 -13.71
CA TYR B 72 -1.34 11.57 -12.77
C TYR B 72 -1.30 12.98 -13.39
N ASP B 73 -2.33 13.81 -13.18
CA ASP B 73 -2.41 15.15 -13.77
C ASP B 73 -1.23 16.00 -13.35
N TYR B 74 -0.79 15.88 -12.12
CA TYR B 74 0.23 16.80 -11.59
C TYR B 74 1.55 16.14 -11.25
N SER B 75 1.85 14.97 -11.83
CA SER B 75 3.11 14.32 -11.57
C SER B 75 3.69 13.96 -12.88
N SER B 76 4.98 13.68 -12.86
CA SER B 76 5.62 13.15 -13.99
C SER B 76 4.89 11.94 -14.61
N HIS B 77 5.01 11.80 -15.93
CA HIS B 77 4.38 10.69 -16.66
C HIS B 77 4.77 9.25 -16.24
N LYS B 78 5.98 9.07 -15.72
CA LYS B 78 6.47 7.76 -15.35
C LYS B 78 5.61 7.03 -14.25
N TYR B 79 4.89 7.83 -13.45
CA TYR B 79 4.02 7.34 -12.42
C TYR B 79 2.73 6.77 -13.00
N VAL B 80 2.44 5.52 -12.65
CA VAL B 80 1.23 4.84 -13.14
C VAL B 80 0.48 4.11 -12.04
N PHE B 81 -0.77 3.86 -12.28
CA PHE B 81 -1.68 3.16 -11.40
C PHE B 81 -2.56 2.29 -12.24
N SER B 82 -2.51 1.00 -11.98
CA SER B 82 -3.29 0.03 -12.75
C SER B 82 -4.72 -0.11 -12.19
N ILE B 83 -5.72 0.04 -13.05
CA ILE B 83 -7.10 -0.10 -12.63
C ILE B 83 -7.44 -1.55 -12.38
N SER B 84 -7.86 -1.89 -11.16
CA SER B 84 -8.21 -3.28 -10.87
C SER B 84 -9.73 -3.44 -11.02
N ASN B 85 -10.15 -4.69 -11.03
CA ASN B 85 -11.52 -5.12 -10.91
C ASN B 85 -12.22 -4.49 -9.77
N ASN B 86 -11.63 -4.52 -8.61
CA ASN B 86 -12.17 -3.88 -7.46
C ASN B 86 -12.33 -2.37 -7.57
N PHE B 87 -11.33 -1.66 -8.09
CA PHE B 87 -11.44 -0.21 -8.28
C PHE B 87 -12.67 0.08 -9.19
N ARG B 88 -12.72 -0.64 -10.29
CA ARG B 88 -13.77 -0.46 -11.27
C ARG B 88 -15.13 -0.69 -10.63
N SER B 89 -15.22 -1.68 -9.75
CA SER B 89 -16.46 -2.02 -9.13
C SER B 89 -17.00 -0.89 -8.25
N LEU B 90 -16.19 0.07 -7.87
CA LEU B 90 -16.59 1.12 -7.04
C LEU B 90 -16.98 2.36 -7.86
N LEU B 91 -16.81 2.32 -9.17
CA LEU B 91 -17.15 3.46 -10.01
C LEU B 91 -18.68 3.50 -10.22
N PRO B 92 -19.24 4.69 -10.35
CA PRO B 92 -20.68 4.70 -10.68
C PRO B 92 -20.95 4.20 -12.08
N ASP B 93 -22.17 3.72 -12.30
CA ASP B 93 -22.59 3.35 -13.70
C ASP B 93 -22.79 4.54 -14.61
N VAL B 94 -23.35 5.58 -14.04
CA VAL B 94 -23.62 6.82 -14.76
C VAL B 94 -23.27 8.03 -13.89
N SER B 95 -22.79 9.10 -14.50
CA SER B 95 -22.37 10.32 -13.77
C SER B 95 -23.43 10.66 -12.71
N PRO B 96 -23.04 10.70 -11.46
CA PRO B 96 -24.00 11.01 -10.41
C PRO B 96 -24.69 12.37 -10.56
N ILE B 97 -24.15 13.28 -11.36
CA ILE B 97 -24.75 14.59 -11.49
C ILE B 97 -25.49 14.78 -12.77
N MET B 98 -25.69 13.72 -13.53
CA MET B 98 -26.43 13.83 -14.79
C MET B 98 -27.88 14.22 -14.48
N ASN B 99 -28.36 15.27 -15.14
CA ASN B 99 -29.71 15.75 -15.03
C ASN B 99 -30.06 16.18 -13.62
N LYS B 100 -29.08 16.57 -12.84
CA LYS B 100 -29.34 17.18 -11.54
C LYS B 100 -29.22 18.66 -11.64
N HIS B 101 -30.17 19.33 -11.01
CA HIS B 101 -30.27 20.79 -11.01
C HIS B 101 -30.74 21.28 -9.62
N TYR B 102 -29.96 22.13 -9.00
CA TYR B 102 -30.22 22.63 -7.66
C TYR B 102 -30.31 24.13 -7.80
N ASN B 103 -31.07 24.75 -6.90
CA ASN B 103 -31.22 26.19 -6.98
C ASN B 103 -30.01 26.92 -6.31
N ILE B 104 -30.02 27.06 -4.98
CA ILE B 104 -28.93 27.75 -4.29
C ILE B 104 -27.87 26.72 -3.82
N CYS B 105 -26.63 26.88 -4.27
CA CYS B 105 -25.52 26.06 -3.82
C CYS B 105 -24.51 26.86 -2.96
N ALA B 106 -24.03 26.25 -1.87
CA ALA B 106 -22.93 26.78 -1.13
C ALA B 106 -21.68 25.96 -1.46
N VAL B 107 -20.59 26.64 -1.78
CA VAL B 107 -19.26 25.99 -1.84
C VAL B 107 -18.41 26.50 -0.69
N VAL B 108 -18.06 25.58 0.20
CA VAL B 108 -17.42 25.93 1.47
C VAL B 108 -15.95 25.55 1.47
N GLY B 109 -15.10 26.56 1.30
CA GLY B 109 -13.67 26.40 1.43
C GLY B 109 -13.33 26.31 2.89
N ASN B 110 -12.03 26.09 3.18
CA ASN B 110 -11.66 25.77 4.56
C ASN B 110 -10.93 26.86 5.32
N SER B 111 -10.94 28.10 4.82
CA SER B 111 -10.28 29.20 5.50
C SER B 111 -10.72 29.43 6.93
N GLY B 112 -9.76 29.81 7.74
CA GLY B 112 -10.02 30.23 9.09
C GLY B 112 -10.88 31.47 9.19
N ILE B 113 -11.12 32.19 8.09
CA ILE B 113 -12.06 33.29 8.11
C ILE B 113 -13.46 32.86 8.60
N LEU B 114 -13.81 31.58 8.43
CA LEU B 114 -15.13 31.10 8.93
C LEU B 114 -15.27 31.04 10.43
N THR B 115 -14.15 31.07 11.19
CA THR B 115 -14.25 30.99 12.66
C THR B 115 -14.88 32.25 13.17
N GLY B 116 -15.94 32.09 13.96
CA GLY B 116 -16.73 33.17 14.52
C GLY B 116 -17.70 33.81 13.55
N SER B 117 -17.75 33.33 12.32
CA SER B 117 -18.59 33.99 11.32
C SER B 117 -20.07 33.83 11.59
N GLN B 118 -20.41 32.72 12.26
CA GLN B 118 -21.81 32.30 12.41
C GLN B 118 -22.57 32.07 11.07
N CYS B 119 -21.86 31.63 10.05
CA CYS B 119 -22.46 31.38 8.74
C CYS B 119 -23.17 30.02 8.61
N GLY B 120 -23.24 29.23 9.68
CA GLY B 120 -23.75 27.87 9.64
C GLY B 120 -25.19 27.79 9.16
N GLN B 121 -26.01 28.64 9.72
CA GLN B 121 -27.40 28.58 9.42
C GLN B 121 -27.65 28.98 7.94
N GLU B 122 -26.98 30.03 7.49
CA GLU B 122 -27.15 30.54 6.14
C GLU B 122 -26.61 29.48 5.13
N ILE B 123 -25.46 28.85 5.45
CA ILE B 123 -24.92 27.79 4.62
C ILE B 123 -25.93 26.62 4.51
N ASP B 124 -26.49 26.23 5.66
CA ASP B 124 -27.42 25.08 5.67
C ASP B 124 -28.76 25.33 5.04
N LYS B 125 -29.11 26.59 4.87
CA LYS B 125 -30.29 26.92 4.08
C LYS B 125 -30.14 26.69 2.55
N SER B 126 -28.93 26.59 2.02
CA SER B 126 -28.70 26.21 0.66
C SER B 126 -29.38 24.90 0.29
N ASP B 127 -29.72 24.77 -0.97
CA ASP B 127 -30.26 23.52 -1.51
C ASP B 127 -29.17 22.45 -1.57
N PHE B 128 -27.92 22.82 -1.83
CA PHE B 128 -26.87 21.81 -2.00
C PHE B 128 -25.55 22.40 -1.49
N VAL B 129 -24.85 21.67 -0.64
CA VAL B 129 -23.61 22.14 -0.07
C VAL B 129 -22.45 21.28 -0.45
N PHE B 130 -21.43 21.91 -1.02
CA PHE B 130 -20.14 21.33 -1.38
C PHE B 130 -19.10 21.68 -0.31
N ARG B 131 -18.40 20.67 0.20
CA ARG B 131 -17.26 20.87 1.16
C ARG B 131 -15.98 20.23 0.62
N CYS B 132 -14.86 20.61 1.21
CA CYS B 132 -13.55 20.29 0.71
C CYS B 132 -12.80 19.42 1.72
N ASN B 133 -12.22 18.33 1.21
CA ASN B 133 -11.31 17.51 1.99
C ASN B 133 -11.91 16.97 3.26
N PHE B 134 -13.18 16.57 3.24
CA PHE B 134 -13.74 15.86 4.35
C PHE B 134 -13.70 16.66 5.61
N ALA B 135 -13.81 17.97 5.46
CA ALA B 135 -13.62 18.91 6.56
C ALA B 135 -14.64 18.60 7.59
N PRO B 136 -14.25 18.67 8.85
CA PRO B 136 -15.15 18.42 10.00
C PRO B 136 -16.18 19.56 10.16
N THR B 137 -17.40 19.15 10.52
CA THR B 137 -18.49 20.08 10.78
C THR B 137 -19.08 20.08 12.20
N GLU B 138 -18.97 18.97 12.91
CA GLU B 138 -19.76 18.73 14.08
C GLU B 138 -19.40 19.76 15.15
N ALA B 139 -18.12 19.92 15.40
CA ALA B 139 -17.64 20.90 16.37
C ALA B 139 -17.64 22.34 15.86
N PHE B 140 -18.08 22.61 14.65
CA PHE B 140 -17.91 23.93 14.04
C PHE B 140 -19.19 24.38 13.36
N GLN B 141 -20.30 23.69 13.66
CA GLN B 141 -21.54 23.87 12.91
C GLN B 141 -22.06 25.28 12.92
N ARG B 142 -21.89 25.96 14.04
CA ARG B 142 -22.38 27.30 14.15
C ARG B 142 -21.76 28.21 13.08
N ASP B 143 -20.51 27.96 12.75
CA ASP B 143 -19.80 28.74 11.74
C ASP B 143 -19.88 28.16 10.32
N VAL B 144 -19.91 26.84 10.17
CA VAL B 144 -19.78 26.22 8.85
C VAL B 144 -20.95 25.37 8.41
N GLY B 145 -21.93 25.18 9.30
CA GLY B 145 -23.08 24.35 8.98
C GLY B 145 -22.82 22.86 9.19
N ARG B 146 -23.86 22.05 9.14
CA ARG B 146 -23.76 20.56 9.12
C ARG B 146 -24.31 19.93 7.83
N LYS B 147 -24.88 20.71 6.92
CA LYS B 147 -25.37 20.16 5.67
C LYS B 147 -24.18 19.83 4.77
N THR B 148 -24.16 18.61 4.24
CA THR B 148 -23.16 18.20 3.24
C THR B 148 -23.77 17.32 2.17
N ASN B 149 -23.70 17.75 0.91
CA ASN B 149 -24.20 16.96 -0.21
C ASN B 149 -23.05 16.39 -1.07
N LEU B 150 -21.88 17.00 -0.96
CA LEU B 150 -20.68 16.49 -1.56
C LEU B 150 -19.54 16.97 -0.73
N THR B 151 -18.59 16.08 -0.47
CA THR B 151 -17.33 16.49 0.08
C THR B 151 -16.18 15.80 -0.65
N THR B 152 -15.08 16.50 -0.89
CA THR B 152 -14.00 15.94 -1.60
C THR B 152 -13.12 15.17 -0.62
N PHE B 153 -12.27 14.31 -1.17
CA PHE B 153 -11.50 13.42 -0.31
C PHE B 153 -10.22 13.02 -1.00
N ASN B 154 -9.15 13.69 -0.67
CA ASN B 154 -7.81 13.24 -1.09
C ASN B 154 -7.50 11.96 -0.39
N PRO B 155 -7.11 10.90 -1.11
CA PRO B 155 -6.82 9.65 -0.42
C PRO B 155 -5.86 9.71 0.74
N SER B 156 -4.99 10.66 0.73
CA SER B 156 -3.98 10.78 1.71
C SER B 156 -4.57 11.14 3.07
N ILE B 157 -5.82 11.55 3.09
CA ILE B 157 -6.52 11.68 4.34
C ILE B 157 -6.44 10.40 5.20
N LEU B 158 -6.49 9.24 4.57
CA LEU B 158 -6.33 8.05 5.34
C LEU B 158 -5.03 8.02 6.10
N GLU B 159 -3.97 8.48 5.49
CA GLU B 159 -2.61 8.55 6.11
C GLU B 159 -2.63 9.56 7.25
N LYS B 160 -3.16 10.74 7.01
CA LYS B 160 -3.03 11.80 7.97
C LYS B 160 -3.95 11.58 9.15
N TYR B 161 -5.16 11.11 8.94
CA TYR B 161 -6.14 11.11 10.00
C TYR B 161 -6.59 9.75 10.43
N TYR B 162 -6.37 8.70 9.65
CA TYR B 162 -6.90 7.37 10.00
C TYR B 162 -5.83 6.29 10.00
N ASN B 163 -4.56 6.68 10.06
CA ASN B 163 -3.47 5.75 10.32
C ASN B 163 -3.47 4.55 9.32
N ASN B 164 -3.73 4.87 8.05
CA ASN B 164 -3.84 3.87 7.02
C ASN B 164 -4.76 2.73 7.30
N LEU B 165 -5.75 2.94 8.15
CA LEU B 165 -6.66 1.85 8.49
C LEU B 165 -5.93 0.55 8.89
N LEU B 166 -4.85 0.72 9.64
CA LEU B 166 -4.03 -0.38 10.21
C LEU B 166 -4.64 -1.13 11.39
N THR B 167 -5.41 -0.45 12.25
CA THR B 167 -6.03 -1.10 13.38
C THR B 167 -7.58 -1.10 13.28
N ILE B 168 -8.19 -1.88 14.17
CA ILE B 168 -9.65 -2.04 14.26
C ILE B 168 -10.32 -0.69 14.55
N GLN B 169 -9.67 0.06 15.45
CA GLN B 169 -10.16 1.33 15.87
C GLN B 169 -10.09 2.34 14.74
N ASP B 170 -9.00 2.34 13.99
CA ASP B 170 -8.91 3.18 12.79
C ASP B 170 -10.06 2.89 11.78
N ARG B 171 -10.28 1.60 11.51
CA ARG B 171 -11.31 1.13 10.61
C ARG B 171 -12.71 1.57 11.10
N ASN B 172 -12.98 1.42 12.40
CA ASN B 172 -14.21 1.88 12.98
C ASN B 172 -14.35 3.34 12.89
N ASN B 173 -13.29 4.08 13.21
CA ASN B 173 -13.40 5.55 13.11
C ASN B 173 -13.69 6.00 11.65
N PHE B 174 -13.06 5.38 10.67
CA PHE B 174 -13.29 5.81 9.32
C PHE B 174 -14.67 5.41 8.90
N PHE B 175 -15.11 4.20 9.26
CA PHE B 175 -16.45 3.76 8.94
C PHE B 175 -17.51 4.73 9.52
N LEU B 176 -17.36 5.12 10.79
CA LEU B 176 -18.30 6.03 11.43
C LEU B 176 -18.29 7.38 10.71
N SER B 177 -17.12 7.85 10.33
CA SER B 177 -17.03 9.13 9.60
C SER B 177 -17.81 9.05 8.31
N LEU B 178 -17.70 7.91 7.60
CA LEU B 178 -18.40 7.76 6.35
C LEU B 178 -19.88 7.63 6.57
N LYS B 179 -20.24 6.90 7.62
CA LYS B 179 -21.66 6.80 7.90
C LYS B 179 -22.33 8.15 8.18
N LYS B 180 -21.63 9.07 8.85
CA LYS B 180 -22.20 10.43 9.15
C LYS B 180 -22.52 11.22 7.88
N LEU B 181 -21.87 10.94 6.77
CA LEU B 181 -22.19 11.57 5.52
C LEU B 181 -23.52 11.16 4.90
N ASP B 182 -24.10 10.07 5.39
CA ASP B 182 -25.36 9.55 4.85
C ASP B 182 -25.27 9.32 3.31
N GLY B 183 -26.15 9.92 2.51
CA GLY B 183 -26.21 9.70 1.06
C GLY B 183 -25.39 10.74 0.28
N ALA B 184 -24.58 11.58 0.93
CA ALA B 184 -23.78 12.54 0.16
C ALA B 184 -22.81 11.86 -0.83
N ILE B 185 -22.26 12.68 -1.74
CA ILE B 185 -21.21 12.23 -2.66
C ILE B 185 -19.89 12.42 -2.00
N LEU B 186 -19.06 11.39 -2.06
CA LEU B 186 -17.67 11.48 -1.65
C LEU B 186 -16.86 11.48 -2.93
N TRP B 187 -16.23 12.61 -3.22
CA TRP B 187 -15.62 12.90 -4.50
C TRP B 187 -14.11 12.73 -4.28
N ILE B 188 -13.56 11.63 -4.81
CA ILE B 188 -12.22 11.16 -4.48
C ILE B 188 -11.31 11.31 -5.67
N PRO B 189 -10.41 12.34 -5.67
CA PRO B 189 -9.50 12.45 -6.80
C PRO B 189 -8.21 11.70 -6.55
N ALA B 190 -8.10 10.51 -7.10
CA ALA B 190 -6.99 9.66 -6.85
C ALA B 190 -5.94 9.80 -7.91
N PHE B 191 -6.16 10.59 -8.95
CA PHE B 191 -5.23 10.70 -10.06
C PHE B 191 -4.69 12.10 -10.31
N PHE B 192 -4.67 12.93 -9.28
CA PHE B 192 -3.99 14.23 -9.37
C PHE B 192 -2.50 14.12 -8.97
N PHE B 193 -2.24 13.50 -7.83
CA PHE B 193 -0.89 13.39 -7.29
C PHE B 193 -0.50 11.94 -7.15
N HIS B 194 0.68 11.56 -7.67
CA HIS B 194 1.20 10.19 -7.52
C HIS B 194 1.35 9.69 -6.11
N THR B 195 1.54 10.57 -5.16
CA THR B 195 1.63 10.19 -3.75
C THR B 195 0.29 9.62 -3.25
N SER B 196 -0.81 9.74 -3.99
CA SER B 196 -2.06 9.01 -3.66
C SER B 196 -1.97 7.47 -3.90
N ALA B 197 -0.99 7.01 -4.68
CA ALA B 197 -1.06 5.67 -5.22
C ALA B 197 -1.26 4.56 -4.15
N THR B 198 -0.35 4.45 -3.22
CA THR B 198 -0.44 3.30 -2.33
C THR B 198 -1.65 3.40 -1.40
N VAL B 199 -1.98 4.61 -0.90
CA VAL B 199 -3.17 4.72 -0.02
C VAL B 199 -4.46 4.40 -0.77
N THR B 200 -4.50 4.73 -2.06
CA THR B 200 -5.66 4.43 -2.85
C THR B 200 -5.99 2.94 -2.78
N ARG B 201 -5.01 2.03 -2.80
CA ARG B 201 -5.34 0.60 -2.73
C ARG B 201 -5.98 0.26 -1.38
N THR B 202 -5.54 0.92 -0.32
CA THR B 202 -6.10 0.70 1.01
C THR B 202 -7.56 1.16 1.05
N LEU B 203 -7.81 2.32 0.51
CA LEU B 203 -9.14 2.88 0.47
C LEU B 203 -10.08 2.02 -0.37
N VAL B 204 -9.61 1.60 -1.55
CA VAL B 204 -10.39 0.71 -2.41
C VAL B 204 -10.73 -0.55 -1.64
N ASP B 205 -9.72 -1.16 -1.00
CA ASP B 205 -9.99 -2.43 -0.32
C ASP B 205 -10.97 -2.24 0.81
N PHE B 206 -10.88 -1.10 1.49
CA PHE B 206 -11.84 -0.85 2.57
C PHE B 206 -13.27 -0.76 1.99
N PHE B 207 -13.45 -0.05 0.91
CA PHE B 207 -14.81 0.09 0.37
C PHE B 207 -15.36 -1.24 -0.19
N VAL B 208 -14.53 -2.02 -0.84
CA VAL B 208 -14.97 -3.33 -1.33
C VAL B 208 -15.34 -4.14 -0.13
N GLU B 209 -14.53 -4.11 0.92
CA GLU B 209 -14.81 -4.95 2.07
C GLU B 209 -16.14 -4.57 2.63
N HIS B 210 -16.47 -3.29 2.62
CA HIS B 210 -17.73 -2.82 3.24
C HIS B 210 -18.86 -2.58 2.24
N ARG B 211 -18.80 -3.18 1.05
CA ARG B 211 -19.77 -2.96 -0.01
C ARG B 211 -21.20 -3.18 0.54
N GLY B 212 -22.07 -2.23 0.26
CA GLY B 212 -23.47 -2.36 0.71
C GLY B 212 -23.75 -1.89 2.12
N GLN B 213 -22.73 -1.69 2.96
CA GLN B 213 -22.94 -1.22 4.29
C GLN B 213 -23.04 0.32 4.41
N LEU B 214 -22.69 1.11 3.40
CA LEU B 214 -22.78 2.59 3.53
C LEU B 214 -23.60 3.18 2.43
N LYS B 215 -24.28 4.26 2.68
CA LYS B 215 -25.04 4.94 1.66
C LYS B 215 -24.29 6.02 0.88
N VAL B 216 -23.06 6.32 1.25
CA VAL B 216 -22.31 7.33 0.57
C VAL B 216 -22.27 6.95 -0.93
N GLN B 217 -22.42 7.94 -1.77
CA GLN B 217 -22.23 7.79 -3.18
C GLN B 217 -20.79 8.16 -3.58
N LEU B 218 -20.04 7.18 -4.09
CA LEU B 218 -18.64 7.41 -4.45
C LEU B 218 -18.53 8.03 -5.82
N ALA B 219 -17.64 8.97 -5.99
CA ALA B 219 -17.31 9.47 -7.30
C ALA B 219 -15.81 9.61 -7.38
N TRP B 220 -15.25 9.37 -8.56
CA TRP B 220 -13.84 9.26 -8.80
C TRP B 220 -13.47 9.94 -10.12
N PRO B 221 -13.18 11.23 -10.07
CA PRO B 221 -12.65 11.89 -11.25
C PRO B 221 -11.37 11.33 -11.73
N GLY B 222 -11.21 11.31 -13.05
CA GLY B 222 -9.96 10.93 -13.63
C GLY B 222 -9.14 12.16 -13.97
N ASN B 223 -8.48 12.14 -15.14
CA ASN B 223 -7.48 13.13 -15.54
C ASN B 223 -8.17 14.31 -16.12
N ILE B 224 -8.68 15.15 -15.25
CA ILE B 224 -9.53 16.21 -15.73
C ILE B 224 -8.90 17.60 -15.68
N MET B 225 -7.79 17.76 -14.97
CA MET B 225 -7.29 19.13 -14.74
C MET B 225 -6.92 19.90 -16.01
N GLN B 226 -6.35 19.24 -17.01
CA GLN B 226 -6.05 19.92 -18.28
C GLN B 226 -7.35 20.47 -18.95
N HIS B 227 -8.49 19.80 -18.77
CA HIS B 227 -9.76 20.27 -19.36
C HIS B 227 -10.33 21.43 -18.56
N VAL B 228 -10.31 21.30 -17.24
CA VAL B 228 -10.72 22.39 -16.37
C VAL B 228 -9.83 23.60 -16.52
N ASN B 229 -8.55 23.41 -16.63
CA ASN B 229 -7.63 24.52 -16.85
C ASN B 229 -7.93 25.39 -18.06
N ARG B 230 -8.56 24.83 -19.09
CA ARG B 230 -8.84 25.56 -20.30
C ARG B 230 -9.76 26.71 -20.06
N TYR B 231 -10.88 26.46 -19.39
CA TYR B 231 -11.73 27.58 -19.08
C TYR B 231 -10.94 28.68 -18.29
N TRP B 232 -10.19 28.30 -17.27
CA TRP B 232 -9.62 29.30 -16.35
C TRP B 232 -8.40 29.99 -16.93
N LYS B 233 -7.67 29.28 -17.77
CA LYS B 233 -6.60 29.85 -18.59
C LYS B 233 -7.12 31.09 -19.37
N ASN B 234 -8.31 31.00 -19.97
CA ASN B 234 -8.90 32.16 -20.69
C ASN B 234 -9.26 33.31 -19.81
N LYS B 235 -9.53 33.03 -18.53
CA LYS B 235 -9.73 34.09 -17.54
C LYS B 235 -8.44 34.57 -16.90
N HIS B 236 -7.29 34.28 -17.52
CA HIS B 236 -6.00 34.81 -17.05
C HIS B 236 -5.58 34.27 -15.66
N LEU B 237 -6.03 33.07 -15.33
CA LEU B 237 -5.60 32.37 -14.15
C LEU B 237 -4.96 31.10 -14.63
N SER B 238 -3.64 31.02 -14.55
CA SER B 238 -2.99 29.77 -15.00
C SER B 238 -1.84 29.39 -14.11
N PRO B 239 -2.14 29.04 -12.87
CA PRO B 239 -1.09 28.42 -12.10
C PRO B 239 -0.72 27.02 -12.64
N LYS B 240 0.38 26.54 -12.11
CA LYS B 240 0.71 25.11 -11.94
C LYS B 240 -0.59 24.27 -11.77
N ARG B 241 -1.43 24.71 -10.83
CA ARG B 241 -2.44 23.91 -10.22
C ARG B 241 -3.64 24.74 -9.84
N LEU B 242 -4.82 24.30 -10.18
CA LEU B 242 -5.99 24.94 -9.65
C LEU B 242 -6.36 24.33 -8.27
N SER B 243 -6.87 25.12 -7.37
CA SER B 243 -7.24 24.61 -6.07
C SER B 243 -8.57 23.81 -6.11
N THR B 244 -8.73 22.91 -5.14
CA THR B 244 -9.96 22.21 -4.96
C THR B 244 -11.17 23.16 -4.92
N GLY B 245 -11.01 24.33 -4.32
CA GLY B 245 -12.14 25.25 -4.23
C GLY B 245 -12.67 25.68 -5.57
N ILE B 246 -11.76 26.00 -6.46
CA ILE B 246 -12.21 26.51 -7.74
C ILE B 246 -12.63 25.40 -8.71
N LEU B 247 -12.04 24.25 -8.50
CA LEU B 247 -12.55 23.06 -9.10
C LEU B 247 -14.02 22.82 -8.67
N MET B 248 -14.32 22.98 -7.37
CA MET B 248 -15.70 22.83 -6.91
C MET B 248 -16.63 23.89 -7.53
N TYR B 249 -16.17 25.14 -7.66
CA TYR B 249 -16.94 26.17 -8.35
C TYR B 249 -17.32 25.69 -9.75
N THR B 250 -16.34 25.15 -10.44
CA THR B 250 -16.55 24.74 -11.79
C THR B 250 -17.62 23.68 -11.90
N LEU B 251 -17.55 22.69 -11.05
CA LEU B 251 -18.54 21.65 -11.04
C LEU B 251 -19.90 22.23 -10.71
N ALA B 252 -19.94 23.08 -9.71
CA ALA B 252 -21.16 23.71 -9.28
C ALA B 252 -21.87 24.50 -10.38
N SER B 253 -21.09 25.09 -11.27
CA SER B 253 -21.64 25.93 -12.29
C SER B 253 -22.56 25.11 -13.16
N ALA B 254 -22.32 23.80 -13.27
CA ALA B 254 -23.16 23.00 -14.12
C ALA B 254 -24.51 22.58 -13.49
N ILE B 255 -24.58 22.52 -12.16
CA ILE B 255 -25.76 21.96 -11.52
C ILE B 255 -26.48 22.95 -10.56
N CYS B 256 -26.00 24.18 -10.46
CA CYS B 256 -26.57 25.16 -9.56
C CYS B 256 -27.08 26.37 -10.34
N GLU B 257 -28.19 26.96 -9.88
CA GLU B 257 -28.66 28.25 -10.40
C GLU B 257 -27.86 29.45 -9.86
N GLU B 258 -27.36 29.32 -8.64
CA GLU B 258 -26.67 30.41 -7.97
C GLU B 258 -25.71 29.85 -6.98
N ILE B 259 -24.46 30.40 -6.98
CA ILE B 259 -23.42 29.86 -6.13
C ILE B 259 -22.94 30.89 -5.09
N HIS B 260 -22.92 30.48 -3.81
CA HIS B 260 -22.44 31.32 -2.71
C HIS B 260 -21.23 30.68 -2.11
N LEU B 261 -20.15 31.43 -2.04
CA LEU B 261 -18.86 30.92 -1.57
C LEU B 261 -18.58 31.37 -0.14
N TYR B 262 -18.03 30.45 0.65
CA TYR B 262 -17.66 30.70 2.03
C TYR B 262 -16.32 30.11 2.27
N GLY B 263 -15.48 30.72 3.14
CA GLY B 263 -14.23 30.13 3.50
C GLY B 263 -13.18 30.17 2.41
N PHE B 264 -13.28 31.15 1.53
CA PHE B 264 -12.28 31.41 0.54
C PHE B 264 -11.59 32.68 0.99
N TRP B 265 -10.36 32.55 1.49
CA TRP B 265 -9.60 33.66 2.04
C TRP B 265 -8.25 33.09 2.35
N PRO B 266 -7.33 33.05 1.36
CA PRO B 266 -6.09 32.37 1.51
C PRO B 266 -5.01 33.20 2.18
N PHE B 267 -5.30 33.78 3.35
CA PHE B 267 -4.38 34.67 4.03
C PHE B 267 -4.38 34.34 5.54
N GLY B 268 -3.22 34.59 6.20
CA GLY B 268 -3.08 34.26 7.61
C GLY B 268 -3.52 35.39 8.53
N PHE B 269 -4.33 36.35 8.03
CA PHE B 269 -4.62 37.56 8.81
C PHE B 269 -6.06 37.94 8.54
N ASP B 270 -6.72 38.43 9.56
CA ASP B 270 -8.12 38.76 9.45
C ASP B 270 -8.24 39.94 8.47
N PRO B 271 -9.17 39.88 7.53
CA PRO B 271 -9.28 41.01 6.56
C PRO B 271 -9.50 42.36 7.14
N ASN B 272 -10.16 42.49 8.31
CA ASN B 272 -10.44 43.74 8.93
C ASN B 272 -9.48 44.18 10.02
N THR B 273 -9.12 43.28 10.92
CA THR B 273 -8.23 43.64 12.04
C THR B 273 -6.75 43.37 11.73
N ARG B 274 -6.47 42.53 10.76
CA ARG B 274 -5.11 42.02 10.51
C ARG B 274 -4.43 41.20 11.61
N GLU B 275 -5.20 40.73 12.57
CA GLU B 275 -4.69 39.75 13.56
C GLU B 275 -4.59 38.39 12.88
N ASP B 276 -3.74 37.54 13.40
CA ASP B 276 -3.53 36.22 12.86
C ASP B 276 -4.79 35.45 12.76
N LEU B 277 -4.91 34.68 11.67
CA LEU B 277 -6.02 33.76 11.46
C LEU B 277 -5.36 32.51 11.06
N PRO B 278 -5.82 31.39 11.57
CA PRO B 278 -5.29 30.16 10.96
C PRO B 278 -5.73 29.90 9.52
N TYR B 279 -4.97 29.05 8.85
CA TYR B 279 -5.18 28.71 7.45
C TYR B 279 -6.50 28.02 7.33
N HIS B 280 -6.80 27.15 8.32
CA HIS B 280 -8.01 26.37 8.32
C HIS B 280 -8.87 26.69 9.52
N TYR B 281 -10.16 26.75 9.30
CA TYR B 281 -11.06 26.95 10.41
C TYR B 281 -10.98 25.86 11.51
N TYR B 282 -10.55 24.64 11.18
CA TYR B 282 -10.57 23.54 12.12
C TYR B 282 -9.20 23.37 12.78
N ASP B 283 -8.26 24.24 12.43
CA ASP B 283 -7.00 24.45 13.24
C ASP B 283 -7.39 25.22 14.50
N GLN B 298 -1.20 29.06 -6.58
CA GLN B 298 -1.49 30.47 -6.65
C GLN B 298 -2.90 30.87 -6.10
N LEU B 299 -3.12 30.55 -4.85
CA LEU B 299 -4.38 30.91 -4.18
C LEU B 299 -4.68 32.40 -4.16
N PRO B 300 -3.67 33.29 -3.93
CA PRO B 300 -4.05 34.68 -4.00
C PRO B 300 -4.59 35.08 -5.35
N ALA B 301 -4.01 34.62 -6.45
CA ALA B 301 -4.57 34.93 -7.77
C ALA B 301 -6.03 34.34 -7.91
N GLU B 302 -6.27 33.13 -7.38
CA GLU B 302 -7.63 32.61 -7.41
C GLU B 302 -8.59 33.49 -6.66
N PHE B 303 -8.20 33.81 -5.43
CA PHE B 303 -8.97 34.73 -4.65
C PHE B 303 -9.28 36.02 -5.43
N GLN B 304 -8.28 36.61 -6.08
CA GLN B 304 -8.54 37.89 -6.79
C GLN B 304 -9.58 37.71 -7.90
N LEU B 305 -9.47 36.62 -8.62
CA LEU B 305 -10.46 36.38 -9.65
C LEU B 305 -11.88 36.18 -9.06
N LEU B 306 -12.00 35.47 -7.96
CA LEU B 306 -13.29 35.23 -7.36
C LEU B 306 -13.87 36.52 -6.78
N TYR B 307 -12.99 37.37 -6.28
CA TYR B 307 -13.39 38.69 -5.83
C TYR B 307 -13.95 39.51 -7.02
N ARG B 308 -13.29 39.47 -8.18
CA ARG B 308 -13.74 40.23 -9.36
C ARG B 308 -15.15 39.63 -9.74
N MET B 309 -15.26 38.30 -9.69
CA MET B 309 -16.51 37.63 -10.04
C MET B 309 -17.64 38.03 -9.11
N HIS B 310 -17.31 38.21 -7.84
CA HIS B 310 -18.27 38.72 -6.88
C HIS B 310 -18.79 40.08 -7.30
N GLY B 311 -17.83 40.95 -7.68
CA GLY B 311 -18.12 42.33 -8.09
C GLY B 311 -18.95 42.35 -9.33
N GLU B 312 -18.80 41.36 -10.23
CA GLU B 312 -19.66 41.27 -11.41
C GLU B 312 -21.01 40.62 -11.15
N GLY B 313 -21.30 40.29 -9.90
CA GLY B 313 -22.51 39.52 -9.60
C GLY B 313 -22.55 38.06 -10.07
N LEU B 314 -21.40 37.45 -10.42
CA LEU B 314 -21.46 36.04 -10.84
C LEU B 314 -21.73 35.06 -9.69
N THR B 315 -21.24 35.40 -8.52
CA THR B 315 -21.22 34.58 -7.37
C THR B 315 -21.06 35.49 -6.16
N LYS B 316 -21.50 35.01 -5.02
CA LYS B 316 -21.38 35.74 -3.77
C LYS B 316 -20.26 35.21 -2.86
N LEU B 317 -19.20 35.99 -2.70
CA LEU B 317 -18.04 35.69 -1.83
C LEU B 317 -18.20 36.26 -0.44
N THR B 318 -18.42 35.45 0.55
CA THR B 318 -18.66 36.00 1.83
C THR B 318 -17.30 36.11 2.55
N LEU B 319 -17.01 37.33 2.97
CA LEU B 319 -15.79 37.68 3.76
C LEU B 319 -16.06 38.21 5.15
N SER B 320 -17.29 38.16 5.66
CA SER B 320 -17.63 38.74 6.95
C SER B 320 -18.62 37.85 7.66
N HIS B 321 -19.02 38.23 8.86
CA HIS B 321 -19.95 37.42 9.63
C HIS B 321 -21.26 37.39 8.90
N CYS B 322 -21.96 36.26 8.98
CA CYS B 322 -23.34 36.13 8.44
C CYS B 322 -24.36 36.73 9.41
N ALA B 323 -24.20 36.37 10.69
CA ALA B 323 -24.67 37.19 11.81
C ALA B 323 -23.83 37.01 13.14
C1 NAG C . 0.32 -24.90 11.54
C2 NAG C . -1.14 -24.47 11.32
C3 NAG C . -2.00 -24.66 12.57
C4 NAG C . -1.81 -26.05 13.12
C5 NAG C . -0.33 -26.35 13.30
C6 NAG C . -0.13 -27.76 13.86
C7 NAG C . -1.39 -22.70 9.64
C8 NAG C . -1.68 -21.24 9.42
N2 NAG C . -1.32 -23.10 10.92
O3 NAG C . -3.36 -24.56 12.19
O4 NAG C . -2.43 -26.07 14.43
O5 NAG C . 0.31 -26.24 12.02
O6 NAG C . 1.27 -27.93 13.95
O7 NAG C . -1.23 -23.49 8.72
C1 NAG C . -3.38 -27.15 14.51
C2 NAG C . -3.71 -27.44 15.96
C3 NAG C . -4.71 -28.57 16.10
C4 NAG C . -5.93 -28.27 15.27
C5 NAG C . -5.56 -27.80 13.85
C6 NAG C . -6.78 -27.26 13.11
C7 NAG C . -1.99 -26.86 17.55
C8 NAG C . -0.72 -27.32 18.23
N2 NAG C . -2.50 -27.74 16.70
O3 NAG C . -5.15 -28.61 17.45
O4 NAG C . -6.70 -29.48 15.18
O5 NAG C . -4.57 -26.77 13.87
O6 NAG C . -7.21 -28.24 12.18
O7 NAG C . -2.48 -25.77 17.77
C1 BMA C . -7.81 -29.54 16.10
C2 BMA C . -8.94 -30.27 15.39
C3 BMA C . -10.17 -30.34 16.29
C4 BMA C . -9.75 -30.94 17.65
C5 BMA C . -8.52 -30.24 18.28
C6 BMA C . -7.99 -30.94 19.55
O2 BMA C . -8.51 -31.58 15.04
O3 BMA C . -11.20 -31.06 15.63
O4 BMA C . -10.85 -30.82 18.55
O5 BMA C . -7.47 -30.21 17.31
O6 BMA C . -6.93 -30.21 20.19
C1 NAG D . 23.11 -42.14 14.41
C2 NAG D . 24.24 -42.96 15.05
C3 NAG D . 23.68 -43.88 16.14
C4 NAG D . 22.78 -43.13 17.13
C5 NAG D . 21.74 -42.27 16.38
C6 NAG D . 20.87 -41.37 17.29
C7 NAG D . 26.13 -43.67 13.64
C8 NAG D . 26.51 -44.64 12.55
N2 NAG D . 24.86 -43.78 14.03
O3 NAG D . 24.76 -44.49 16.83
O4 NAG D . 22.10 -44.07 17.99
O5 NAG D . 22.42 -41.43 15.44
O6 NAG D . 21.66 -40.42 18.02
O7 NAG D . 26.93 -42.87 14.11
C1 NAG D . 22.51 -43.97 19.37
C2 NAG D . 21.46 -44.51 20.34
C3 NAG D . 21.92 -44.10 21.75
C4 NAG D . 23.28 -44.75 22.03
C5 NAG D . 24.30 -44.48 20.92
C6 NAG D . 25.53 -45.38 21.00
C7 NAG D . 19.31 -44.73 19.14
C8 NAG D . 17.91 -44.22 18.98
N2 NAG D . 20.08 -44.10 20.05
O3 NAG D . 20.99 -44.46 22.77
O4 NAG D . 23.77 -44.24 23.29
O5 NAG D . 23.71 -44.71 19.63
O6 NAG D . 26.04 -45.43 22.34
O7 NAG D . 19.73 -45.67 18.47
C1 NAG E . 19.79 -39.87 -2.95
C2 NAG E . 19.93 -40.97 -4.03
C3 NAG E . 20.67 -42.17 -3.43
C4 NAG E . 22.02 -41.70 -2.90
C5 NAG E . 21.83 -40.53 -1.92
C6 NAG E . 23.19 -39.94 -1.48
C7 NAG E . 18.03 -40.95 -5.60
C8 NAG E . 16.76 -41.62 -6.03
N2 NAG E . 18.66 -41.48 -4.55
O3 NAG E . 20.88 -43.13 -4.46
O4 NAG E . 22.70 -42.79 -2.24
O5 NAG E . 21.09 -39.47 -2.53
O6 NAG E . 23.87 -39.51 -2.65
O7 NAG E . 18.43 -39.93 -6.14
C1 NAG E . 23.89 -43.15 -3.00
C2 NAG E . 24.85 -44.07 -2.24
C3 NAG E . 26.05 -44.56 -3.10
C4 NAG E . 25.62 -44.99 -4.50
C5 NAG E . 24.81 -43.83 -5.09
C6 NAG E . 24.46 -43.99 -6.57
C7 NAG E . 24.75 -43.35 0.07
C8 NAG E . 25.31 -42.53 1.18
N2 NAG E . 25.35 -43.32 -1.09
O3 NAG E . 26.67 -45.65 -2.41
O4 NAG E . 26.76 -45.34 -5.30
O5 NAG E . 23.62 -43.72 -4.27
O6 NAG E . 23.65 -45.15 -6.65
O7 NAG E . 23.77 -44.04 0.21
C1 FUC E . 25.31 -39.28 -2.38
C2 FUC E . 26.11 -39.15 -3.69
C3 FUC E . 25.60 -37.90 -4.41
C4 FUC E . 25.78 -36.65 -3.57
C5 FUC E . 25.07 -36.88 -2.21
C6 FUC E . 25.31 -35.75 -1.23
O2 FUC E . 25.87 -40.28 -4.55
O3 FUC E . 26.24 -37.78 -5.64
O4 FUC E . 27.15 -36.36 -3.36
O5 FUC E . 25.49 -38.11 -1.61
C1 NAG F . 14.96 -26.12 -9.41
C2 NAG F . 14.31 -27.08 -10.38
C3 NAG F . 15.21 -27.34 -11.58
C4 NAG F . 15.50 -26.05 -12.30
C5 NAG F . 16.03 -25.02 -11.30
C6 NAG F . 16.12 -23.65 -11.95
C7 NAG F . 12.99 -28.80 -9.13
C8 NAG F . 11.81 -27.99 -9.17
N2 NAG F . 14.12 -28.34 -9.68
O3 NAG F . 14.47 -28.19 -12.41
O4 NAG F . 16.57 -26.28 -13.22
O5 NAG F . 15.16 -24.93 -10.16
O6 NAG F . 16.89 -22.90 -11.01
O7 NAG F . 12.98 -29.92 -8.56
C1 NAG F . 16.28 -25.82 -14.55
C2 NAG F . 17.57 -25.72 -15.38
C3 NAG F . 17.26 -25.46 -16.86
C4 NAG F . 16.13 -26.38 -17.35
C5 NAG F . 14.92 -26.17 -16.44
C6 NAG F . 13.66 -26.87 -16.91
C7 NAG F . 19.35 -24.87 -13.82
C8 NAG F . 20.00 -23.62 -13.29
N2 NAG F . 18.40 -24.68 -14.75
O3 NAG F . 18.42 -25.72 -17.63
O4 NAG F . 15.82 -26.16 -18.74
O5 NAG F . 15.31 -26.67 -15.13
O6 NAG F . 13.96 -28.28 -16.89
O7 NAG F . 19.67 -25.95 -13.36
C1 NAG G . -13.45 15.62 -19.74
C2 NAG G . -13.13 14.21 -20.25
C3 NAG G . -12.36 14.37 -21.56
C4 NAG G . -13.07 15.28 -22.56
C5 NAG G . -13.47 16.59 -21.94
C6 NAG G . -14.30 17.45 -22.91
C7 NAG G . -12.84 12.63 -18.38
C8 NAG G . -11.81 11.91 -17.55
N2 NAG G . -12.34 13.43 -19.34
O3 NAG G . -12.16 13.09 -22.11
O4 NAG G . -12.15 15.63 -23.59
O5 NAG G . -14.19 16.36 -20.72
O6 NAG G . -14.49 18.73 -22.26
O7 NAG G . -14.04 12.52 -18.16
C1 NAG G . -12.42 14.96 -24.85
C2 NAG G . -11.67 15.66 -25.97
C3 NAG G . -11.74 14.91 -27.29
C4 NAG G . -11.27 13.47 -27.08
C5 NAG G . -12.15 12.86 -25.96
C6 NAG G . -11.81 11.41 -25.64
C7 NAG G . -11.58 18.10 -25.77
C8 NAG G . -12.31 19.41 -26.01
N2 NAG G . -12.22 16.99 -26.13
O3 NAG G . -10.88 15.56 -28.20
O4 NAG G . -11.30 12.73 -28.30
O5 NAG G . -11.97 13.61 -24.75
O6 NAG G . -10.46 11.38 -25.13
O7 NAG G . -10.46 18.05 -25.29
C1 NAG H . -28.22 17.59 1.23
C2 NAG H . -29.58 17.05 0.93
C3 NAG H . -30.46 17.22 2.16
C4 NAG H . -29.86 16.56 3.35
C5 NAG H . -28.46 17.06 3.62
C6 NAG H . -27.78 16.27 4.75
C7 NAG H . -30.14 17.38 -1.39
C8 NAG H . -30.70 18.33 -2.41
N2 NAG H . -30.11 17.85 -0.17
O3 NAG H . -31.67 16.58 1.88
O4 NAG H . -30.68 16.97 4.44
O5 NAG H . -27.69 16.97 2.40
O6 NAG H . -26.56 16.94 5.16
O7 NAG H . -29.74 16.23 -1.64
C1 NAG H . -31.16 15.88 5.24
C2 NAG H . -31.55 16.44 6.61
C3 NAG H . -32.09 15.30 7.49
C4 NAG H . -33.20 14.53 6.76
C5 NAG H . -32.65 14.03 5.39
C6 NAG H . -33.68 13.23 4.61
C7 NAG H . -30.10 18.38 7.22
C8 NAG H . -28.87 18.83 7.96
N2 NAG H . -30.41 17.07 7.28
O3 NAG H . -32.62 15.86 8.70
O4 NAG H . -33.71 13.48 7.62
O5 NAG H . -32.23 15.17 4.60
O6 NAG H . -34.73 14.12 4.22
O7 NAG H . -30.75 19.21 6.59
O3B CDP I . 17.72 -11.24 8.32
PB CDP I . 17.20 -12.62 8.10
O1B CDP I . 17.32 -13.69 9.14
O2B CDP I . 15.80 -12.77 7.46
O3A CDP I . 18.29 -13.22 7.03
PA CDP I . 19.51 -12.67 6.10
O1A CDP I . 20.48 -11.71 6.71
O2A CDP I . 19.12 -12.35 4.71
O5' CDP I . 20.30 -14.06 6.03
C5' CDP I . 19.69 -15.30 5.68
C4' CDP I . 19.97 -16.27 6.81
O4' CDP I . 21.36 -16.58 6.84
C3' CDP I . 19.68 -15.77 8.21
O3' CDP I . 18.32 -15.90 8.60
C2' CDP I . 20.58 -16.65 9.07
O2' CDP I . 19.97 -17.90 9.39
C1' CDP I . 21.80 -16.86 8.17
N1 CDP I . 22.99 -15.98 8.33
C2 CDP I . 24.10 -16.41 9.06
O2 CDP I . 24.08 -17.52 9.59
N3 CDP I . 25.22 -15.66 9.15
C4 CDP I . 25.28 -14.44 8.57
N4 CDP I . 26.40 -13.70 8.68
C5 CDP I . 24.19 -13.94 7.88
C6 CDP I . 23.06 -14.74 7.75
C1 NAG J . -24.96 41.89 -15.84
C2 NAG J . -24.92 43.40 -15.89
C3 NAG J . -24.99 43.85 -17.35
C4 NAG J . -23.69 43.43 -18.05
C5 NAG J . -23.61 41.90 -17.93
C6 NAG J . -22.32 41.25 -18.50
C7 NAG J . -25.88 44.47 -13.84
C8 NAG J . -24.52 44.71 -13.20
N2 NAG J . -26.01 43.89 -15.06
O3 NAG J . -25.19 45.26 -17.47
O4 NAG J . -23.65 43.92 -19.41
O5 NAG J . -23.77 41.50 -16.56
O6 NAG J . -21.11 41.93 -18.17
O7 NAG J . -26.88 44.80 -13.26
C1 NAG K . -34.50 29.77 -5.73
C2 NAG K . -36.05 29.61 -5.58
C3 NAG K . -36.78 30.96 -5.53
C4 NAG K . -36.15 31.84 -4.43
C5 NAG K . -34.66 31.99 -4.76
C6 NAG K . -33.97 33.00 -3.85
C7 NAG K . -36.62 28.70 -7.85
C8 NAG K . -37.36 27.60 -8.57
N2 NAG K . -36.69 28.65 -6.51
O3 NAG K . -38.18 30.74 -5.24
O4 NAG K . -36.82 33.11 -4.27
O5 NAG K . -34.03 30.69 -4.71
O6 NAG K . -34.23 32.67 -2.47
O7 NAG K . -36.00 29.55 -8.48
O3B CDP L . -7.26 20.73 -1.59
PB CDP L . -6.67 22.03 -1.04
O1B CDP L . -5.46 21.95 -0.14
O2B CDP L . -6.64 23.11 -2.10
O3A CDP L . -7.86 22.48 -0.03
PA CDP L . -7.95 22.89 1.52
O1A CDP L . -8.67 21.86 2.38
O2A CDP L . -6.71 23.61 1.96
O5' CDP L . -9.10 24.05 1.37
C5' CDP L . -10.24 23.91 0.54
C4' CDP L . -10.22 25.01 -0.50
O4' CDP L . -10.58 26.21 0.21
C3' CDP L . -8.91 25.35 -1.21
O3' CDP L . -8.62 24.65 -2.42
C2' CDP L . -9.05 26.84 -1.49
O2' CDP L . -9.74 27.15 -2.73
C1' CDP L . -9.87 27.33 -0.33
N1 CDP L . -9.15 27.96 0.79
C2 CDP L . -8.95 29.37 0.77
O2 CDP L . -9.25 30.07 -0.21
N3 CDP L . -8.33 29.95 1.82
C4 CDP L . -7.91 29.24 2.91
N4 CDP L . -7.32 29.87 3.96
C5 CDP L . -8.13 27.86 2.97
C6 CDP L . -8.77 27.24 1.89
#